data_7RS3
#
_entry.id   7RS3
#
_cell.length_a   52.557
_cell.length_b   58.977
_cell.length_c   91.665
_cell.angle_alpha   89.030
_cell.angle_beta   74.590
_cell.angle_gamma   63.600
#
_symmetry.space_group_name_H-M   'P 1'
#
loop_
_entity.id
_entity.type
_entity.pdbx_description
1 polymer 'Estrogen receptor'
2 non-polymer (1S,2R,4S)-6-[4-(benzyloxy)phenyl]-5-(4-hydroxyphenyl)-N-(4-methoxyphenyl)-N-(2,2,2-trifluoroethyl)-7-oxabicyclo[2.2.1]hept-5-ene-2-sulfonamide
3 non-polymer TYROSINE
4 non-polymer SERINE
5 non-polymer CYSTEINE
6 water water
#
_entity_poly.entity_id   1
_entity_poly.type   'polypeptide(L)'
_entity_poly.pdbx_seq_one_letter_code
;IKRSKKNSLALSLTADQMVSALLDAEPPILYSEYDPTRPFSEASMMGLLTNLADRELVHMINWAKRVPGFVDLTSHDQVH
LLE(YCM)AWLEILMIGLVWRSMEHPGKLLFAPNLLLDRNQGKCVEGMVEIFDMLLATSSRFRMMNLQGEEFVCLKSIIL
LNSGVYTFLSSTLKSLEEKDHIHRVLDKITDTLIHLMAKAGLTLQQQHQRLAQLLLILSHIRHMSNKGMEHLYSMKCKNV
VPSYDLLLEMLDAHRLHAPTS
;
_entity_poly.pdbx_strand_id   A,B,C,D
#
loop_
_chem_comp.id
_chem_comp.type
_chem_comp.name
_chem_comp.formula
7OR non-polymer (1S,2R,4S)-6-[4-(benzyloxy)phenyl]-5-(4-hydroxyphenyl)-N-(4-methoxyphenyl)-N-(2,2,2-trifluoroethyl)-7-oxabicyclo[2.2.1]hept-5-ene-2-sulfonamide 'C34 H30 F3 N O6 S'
#
# COMPACT_ATOMS: atom_id res chain seq x y z
N SER A 8 9.61 11.46 -26.53
CA SER A 8 10.26 10.22 -25.97
C SER A 8 11.25 9.60 -26.96
N LEU A 9 12.54 9.64 -26.59
CA LEU A 9 13.62 9.00 -27.33
C LEU A 9 13.35 7.48 -27.47
N ALA A 10 12.62 6.92 -26.49
CA ALA A 10 12.30 5.49 -26.43
C ALA A 10 11.39 4.96 -27.56
N LEU A 11 10.41 5.78 -27.96
CA LEU A 11 9.44 5.39 -29.00
C LEU A 11 10.00 5.45 -30.42
N SER A 12 11.19 6.07 -30.57
CA SER A 12 11.84 6.28 -31.86
C SER A 12 12.93 5.26 -32.21
N LEU A 13 13.05 4.19 -31.42
CA LEU A 13 13.98 3.10 -31.71
C LEU A 13 13.53 2.21 -32.86
N THR A 14 14.47 1.76 -33.69
CA THR A 14 14.22 0.67 -34.65
C THR A 14 14.12 -0.66 -33.89
N ALA A 15 13.65 -1.70 -34.58
CA ALA A 15 13.48 -3.03 -34.01
C ALA A 15 14.81 -3.59 -33.51
N ASP A 16 15.85 -3.47 -34.33
CA ASP A 16 17.18 -3.92 -33.96
C ASP A 16 17.76 -3.16 -32.76
N GLN A 17 17.52 -1.85 -32.68
CA GLN A 17 17.86 -1.04 -31.51
C GLN A 17 17.10 -1.42 -30.24
N MET A 18 15.81 -1.75 -30.39
CA MET A 18 14.96 -2.14 -29.27
C MET A 18 15.50 -3.43 -28.65
N VAL A 19 15.84 -4.41 -29.49
CA VAL A 19 16.37 -5.69 -29.05
C VAL A 19 17.72 -5.51 -28.28
N SER A 20 18.68 -4.83 -28.91
CA SER A 20 19.97 -4.53 -28.31
C SER A 20 19.83 -3.87 -26.93
N ALA A 21 18.95 -2.87 -26.84
CA ALA A 21 18.71 -2.16 -25.60
C ALA A 21 18.12 -3.08 -24.52
N LEU A 22 17.21 -3.98 -24.93
CA LEU A 22 16.62 -4.97 -24.03
C LEU A 22 17.65 -6.01 -23.59
N LEU A 23 18.45 -6.51 -24.54
CA LEU A 23 19.54 -7.42 -24.24
C LEU A 23 20.54 -6.80 -23.24
N ASP A 24 21.00 -5.57 -23.51
CA ASP A 24 21.85 -4.80 -22.59
C ASP A 24 21.31 -4.65 -21.16
N ALA A 25 19.98 -4.54 -21.04
CA ALA A 25 19.33 -4.19 -19.77
C ALA A 25 19.11 -5.42 -18.89
N GLU A 26 19.31 -6.63 -19.45
CA GLU A 26 19.02 -7.89 -18.77
C GLU A 26 19.69 -8.00 -17.40
N PRO A 27 18.95 -8.33 -16.33
CA PRO A 27 19.55 -8.49 -15.00
C PRO A 27 20.53 -9.66 -14.93
N PRO A 28 21.44 -9.69 -13.93
CA PRO A 28 22.30 -10.87 -13.75
C PRO A 28 21.51 -12.04 -13.13
N ILE A 29 22.03 -13.26 -13.28
CA ILE A 29 21.51 -14.45 -12.65
C ILE A 29 21.92 -14.41 -11.17
N TYR A 31 22.59 -16.18 -7.29
CA TYR A 31 22.90 -17.38 -6.52
C TYR A 31 22.01 -17.41 -5.30
N SER A 32 21.53 -18.61 -4.94
CA SER A 32 20.65 -18.78 -3.81
C SER A 32 21.35 -18.43 -2.47
N SER A 44 11.80 -22.49 5.74
CA SER A 44 13.24 -22.57 5.48
C SER A 44 13.58 -22.61 4.00
N MET A 45 12.86 -23.43 3.23
CA MET A 45 12.86 -23.29 1.79
C MET A 45 12.23 -21.94 1.40
N MET A 46 11.11 -21.60 2.04
CA MET A 46 10.49 -20.29 1.85
C MET A 46 11.49 -19.15 2.16
N GLY A 47 12.35 -19.37 3.17
CA GLY A 47 13.44 -18.45 3.51
C GLY A 47 14.40 -18.25 2.38
N LEU A 48 14.90 -19.36 1.82
CA LEU A 48 15.83 -19.33 0.70
C LEU A 48 15.28 -18.58 -0.49
N LEU A 49 14.04 -18.91 -0.87
CA LEU A 49 13.40 -18.35 -2.05
C LEU A 49 13.12 -16.87 -1.86
N THR A 50 12.66 -16.52 -0.66
CA THR A 50 12.36 -15.14 -0.32
C THR A 50 13.62 -14.28 -0.37
N ASN A 51 14.73 -14.80 0.18
CA ASN A 51 16.02 -14.15 0.16
C ASN A 51 16.47 -13.87 -1.26
N LEU A 52 16.37 -14.90 -2.11
CA LEU A 52 16.73 -14.80 -3.52
C LEU A 52 15.88 -13.74 -4.25
N ALA A 53 14.56 -13.87 -4.11
CA ALA A 53 13.62 -13.04 -4.83
C ALA A 53 13.84 -11.59 -4.45
N ASP A 54 13.97 -11.35 -3.14
CA ASP A 54 14.27 -10.02 -2.58
C ASP A 54 15.51 -9.36 -3.22
N ARG A 55 16.59 -10.14 -3.34
CA ARG A 55 17.81 -9.65 -4.01
C ARG A 55 17.58 -9.44 -5.51
N GLU A 56 16.81 -10.33 -6.14
CA GLU A 56 16.44 -10.15 -7.55
C GLU A 56 15.63 -8.89 -7.81
N LEU A 57 14.73 -8.55 -6.88
CA LEU A 57 13.87 -7.37 -7.03
C LEU A 57 14.63 -6.06 -7.24
N VAL A 58 15.76 -5.91 -6.55
CA VAL A 58 16.61 -4.73 -6.66
C VAL A 58 17.15 -4.58 -8.08
N HIS A 59 17.59 -5.71 -8.64
CA HIS A 59 18.00 -5.80 -10.05
C HIS A 59 16.87 -5.54 -11.01
N MET A 60 15.67 -6.03 -10.68
CA MET A 60 14.48 -5.82 -11.50
C MET A 60 14.12 -4.34 -11.64
N ILE A 61 14.06 -3.62 -10.52
CA ILE A 61 13.88 -2.16 -10.48
C ILE A 61 14.85 -1.51 -11.47
N ASN A 62 16.13 -1.82 -11.35
CA ASN A 62 17.20 -1.35 -12.26
C ASN A 62 16.90 -1.67 -13.71
N TRP A 63 16.52 -2.92 -13.96
CA TRP A 63 16.16 -3.33 -15.31
C TRP A 63 14.92 -2.58 -15.88
N ALA A 64 13.90 -2.38 -15.04
CA ALA A 64 12.67 -1.68 -15.40
C ALA A 64 12.93 -0.24 -15.85
N LYS A 65 13.83 0.47 -15.13
CA LYS A 65 14.25 1.82 -15.51
C LYS A 65 14.81 1.91 -16.91
N ARG A 66 15.28 0.77 -17.45
CA ARG A 66 15.88 0.70 -18.76
C ARG A 66 14.95 0.20 -19.84
N VAL A 67 13.79 -0.36 -19.45
CA VAL A 67 12.74 -0.69 -20.41
C VAL A 67 12.22 0.62 -21.00
N PRO A 68 12.38 0.82 -22.33
CA PRO A 68 11.91 2.04 -23.01
C PRO A 68 10.49 2.49 -22.64
N GLY A 69 10.40 3.74 -22.17
CA GLY A 69 9.14 4.32 -21.76
C GLY A 69 8.91 4.34 -20.25
N PHE A 70 9.57 3.44 -19.51
CA PHE A 70 9.24 3.22 -18.10
C PHE A 70 9.50 4.45 -17.24
N VAL A 71 10.69 5.04 -17.40
CA VAL A 71 11.07 6.22 -16.62
C VAL A 71 10.24 7.45 -16.95
N ASP A 72 9.67 7.49 -18.16
CA ASP A 72 8.78 8.57 -18.61
C ASP A 72 7.50 8.66 -17.78
N LEU A 73 7.16 7.57 -17.07
CA LEU A 73 6.00 7.54 -16.20
C LEU A 73 6.28 8.15 -14.83
N THR A 74 5.21 8.60 -14.16
CA THR A 74 5.27 9.04 -12.78
C THR A 74 5.62 7.86 -11.86
N SER A 75 6.07 8.18 -10.65
CA SER A 75 6.43 7.18 -9.63
C SER A 75 5.24 6.29 -9.24
N HIS A 76 4.04 6.88 -9.16
CA HIS A 76 2.84 6.13 -8.83
C HIS A 76 2.68 5.03 -9.86
N ASP A 77 2.75 5.40 -11.14
CA ASP A 77 2.56 4.48 -12.25
C ASP A 77 3.67 3.44 -12.37
N GLN A 78 4.93 3.85 -12.18
CA GLN A 78 6.05 2.90 -12.18
C GLN A 78 5.85 1.84 -11.10
N VAL A 79 5.50 2.28 -9.90
CA VAL A 79 5.32 1.37 -8.76
C VAL A 79 4.14 0.43 -8.96
N HIS A 80 3.07 0.95 -9.58
CA HIS A 80 1.87 0.17 -9.86
C HIS A 80 2.18 -0.96 -10.83
N LEU A 81 2.87 -0.64 -11.93
CA LEU A 81 3.34 -1.63 -12.90
C LEU A 81 4.21 -2.72 -12.27
N LEU A 82 5.08 -2.31 -11.34
CA LEU A 82 6.00 -3.22 -10.70
C LEU A 82 5.28 -4.12 -9.73
N GLU A 83 4.40 -3.50 -8.94
CA GLU A 83 3.58 -4.20 -8.01
C GLU A 83 2.75 -5.26 -8.73
N YCM A 84 2.22 -4.90 -9.91
CA YCM A 84 1.39 -5.82 -10.67
CB YCM A 84 0.60 -5.06 -11.74
SG YCM A 84 -0.71 -3.95 -11.14
CD YCM A 84 -1.95 -4.97 -10.27
CE YCM A 84 -2.31 -6.20 -11.05
OZ1 YCM A 84 -2.07 -7.32 -10.58
NZ2 YCM A 84 -2.89 -5.98 -12.22
C YCM A 84 2.21 -6.92 -11.33
O YCM A 84 1.72 -8.03 -11.50
N ALA A 85 3.47 -6.62 -11.70
CA ALA A 85 4.25 -7.51 -12.56
C ALA A 85 5.33 -8.36 -11.88
N TRP A 86 5.77 -7.96 -10.68
CA TRP A 86 7.05 -8.46 -10.14
C TRP A 86 7.13 -10.00 -10.09
N LEU A 87 6.02 -10.68 -9.77
CA LEU A 87 6.08 -12.13 -9.59
C LEU A 87 6.08 -12.83 -10.95
N GLU A 88 5.26 -12.33 -11.90
CA GLU A 88 5.25 -12.85 -13.27
C GLU A 88 6.63 -12.78 -13.88
N ILE A 89 7.33 -11.68 -13.61
CA ILE A 89 8.69 -11.45 -14.16
C ILE A 89 9.71 -12.39 -13.51
N LEU A 90 9.61 -12.57 -12.19
CA LEU A 90 10.43 -13.55 -11.50
C LEU A 90 10.16 -14.91 -12.13
N MET A 91 8.88 -15.24 -12.27
CA MET A 91 8.46 -16.51 -12.85
C MET A 91 8.90 -16.79 -14.31
N ILE A 92 8.77 -15.81 -15.20
CA ILE A 92 9.20 -16.03 -16.57
C ILE A 92 10.75 -16.14 -16.67
N GLY A 93 11.46 -15.40 -15.82
CA GLY A 93 12.89 -15.54 -15.69
C GLY A 93 13.28 -16.96 -15.31
N LEU A 94 12.58 -17.51 -14.32
CA LEU A 94 12.80 -18.85 -13.82
C LEU A 94 12.57 -19.85 -14.94
N VAL A 95 11.48 -19.66 -15.68
CA VAL A 95 11.09 -20.56 -16.74
C VAL A 95 12.17 -20.58 -17.82
N TRP A 96 12.67 -19.39 -18.18
CA TRP A 96 13.71 -19.23 -19.19
C TRP A 96 15.00 -19.93 -18.79
N ARG A 97 15.44 -19.71 -17.54
CA ARG A 97 16.61 -20.41 -16.99
C ARG A 97 16.47 -21.91 -17.00
N SER A 98 15.24 -22.41 -16.85
CA SER A 98 14.98 -23.84 -16.64
C SER A 98 14.80 -24.62 -17.92
N MET A 99 14.77 -23.91 -19.06
CA MET A 99 14.45 -24.49 -20.36
C MET A 99 15.30 -25.68 -20.76
N GLU A 100 16.61 -25.57 -20.51
N GLU A 100 16.62 -25.58 -20.53
CA GLU A 100 17.59 -26.59 -20.80
CA GLU A 100 17.54 -26.67 -20.83
C GLU A 100 17.75 -27.62 -19.64
C GLU A 100 17.75 -27.63 -19.65
N HIS A 101 16.76 -27.68 -18.75
CA HIS A 101 16.73 -28.59 -17.62
C HIS A 101 15.35 -29.22 -17.48
N PRO A 102 14.91 -30.02 -18.47
CA PRO A 102 13.55 -30.60 -18.44
C PRO A 102 13.25 -31.33 -17.14
N GLY A 103 12.07 -31.08 -16.57
CA GLY A 103 11.63 -31.68 -15.31
C GLY A 103 12.19 -31.01 -14.05
N LYS A 104 12.94 -29.92 -14.22
CA LYS A 104 13.60 -29.23 -13.12
C LYS A 104 13.50 -27.72 -13.27
N LEU A 105 13.46 -27.02 -12.13
CA LEU A 105 13.41 -25.56 -12.08
C LEU A 105 14.74 -25.09 -11.54
N LEU A 106 15.38 -24.21 -12.32
CA LEU A 106 16.69 -23.63 -12.00
C LEU A 106 16.48 -22.26 -11.37
N PHE A 107 16.22 -22.27 -10.06
CA PHE A 107 16.03 -21.04 -9.28
C PHE A 107 17.34 -20.24 -9.27
N ALA A 108 18.45 -20.96 -9.17
CA ALA A 108 19.76 -20.39 -9.18
C ALA A 108 20.72 -21.47 -9.66
N PRO A 109 21.93 -21.10 -10.14
CA PRO A 109 22.90 -22.10 -10.58
C PRO A 109 23.25 -23.10 -9.47
N ASN A 110 23.15 -22.65 -8.22
CA ASN A 110 23.35 -23.51 -7.06
C ASN A 110 22.04 -24.00 -6.41
N LEU A 111 20.92 -23.93 -7.15
CA LEU A 111 19.61 -24.30 -6.63
C LEU A 111 18.68 -24.73 -7.74
N LEU A 112 18.87 -25.97 -8.19
CA LEU A 112 18.11 -26.64 -9.23
C LEU A 112 17.17 -27.63 -8.55
N LEU A 113 15.86 -27.43 -8.71
CA LEU A 113 14.84 -28.24 -8.01
C LEU A 113 13.94 -29.03 -8.94
N ASP A 114 13.70 -30.30 -8.58
CA ASP A 114 12.72 -31.14 -9.25
C ASP A 114 11.36 -30.99 -8.58
N ARG A 115 10.34 -31.53 -9.26
CA ARG A 115 8.94 -31.47 -8.83
C ARG A 115 8.72 -31.85 -7.35
N ASN A 116 9.31 -32.99 -6.96
CA ASN A 116 9.15 -33.55 -5.61
C ASN A 116 9.61 -32.64 -4.48
N GLN A 117 10.52 -31.71 -4.77
CA GLN A 117 11.01 -30.76 -3.80
C GLN A 117 10.04 -29.61 -3.59
N GLY A 118 9.23 -29.31 -4.62
CA GLY A 118 8.15 -28.35 -4.50
C GLY A 118 7.21 -28.75 -3.37
N LYS A 119 7.12 -30.07 -3.12
CA LYS A 119 6.26 -30.66 -2.11
C LYS A 119 6.59 -30.25 -0.66
N CYS A 120 7.85 -29.89 -0.38
CA CYS A 120 8.24 -29.50 0.97
C CYS A 120 7.36 -28.33 1.47
N VAL A 121 6.90 -27.48 0.55
CA VAL A 121 5.98 -26.36 0.88
C VAL A 121 4.53 -26.67 0.45
N GLU A 122 3.58 -26.37 1.35
CA GLU A 122 2.18 -26.65 1.09
C GLU A 122 1.73 -25.71 -0.02
N GLY A 123 1.19 -26.30 -1.09
CA GLY A 123 0.63 -25.56 -2.21
C GLY A 123 1.62 -25.15 -3.29
N MET A 124 2.91 -25.47 -3.11
CA MET A 124 3.95 -25.13 -4.08
C MET A 124 4.09 -26.10 -5.26
N VAL A 125 3.81 -27.38 -5.02
CA VAL A 125 3.99 -28.38 -6.07
C VAL A 125 3.08 -28.13 -7.27
N GLU A 126 1.90 -27.56 -7.01
CA GLU A 126 0.94 -27.19 -8.04
C GLU A 126 1.54 -26.11 -8.95
N ILE A 127 2.07 -25.07 -8.32
CA ILE A 127 2.68 -23.95 -9.02
C ILE A 127 3.92 -24.40 -9.77
N PHE A 128 4.68 -25.32 -9.18
CA PHE A 128 5.86 -25.93 -9.78
C PHE A 128 5.53 -26.67 -11.06
N ASP A 129 4.48 -27.49 -11.03
CA ASP A 129 4.02 -28.23 -12.19
C ASP A 129 3.63 -27.25 -13.32
N MET A 130 2.94 -26.17 -12.96
CA MET A 130 2.60 -25.11 -13.91
C MET A 130 3.88 -24.46 -14.48
N LEU A 131 4.86 -24.21 -13.62
CA LEU A 131 6.11 -23.58 -14.06
C LEU A 131 6.81 -24.47 -15.04
N LEU A 132 6.87 -25.77 -14.72
CA LEU A 132 7.47 -26.79 -15.59
C LEU A 132 6.78 -26.91 -16.94
N ALA A 133 5.43 -26.79 -16.94
CA ALA A 133 4.64 -26.88 -18.16
C ALA A 133 4.99 -25.73 -19.07
N THR A 134 5.15 -24.53 -18.50
CA THR A 134 5.49 -23.35 -19.25
C THR A 134 6.88 -23.50 -19.89
N SER A 135 7.81 -24.08 -19.13
CA SER A 135 9.17 -24.32 -19.57
C SER A 135 9.22 -25.22 -20.79
N SER A 136 8.45 -26.31 -20.78
CA SER A 136 8.42 -27.23 -21.90
C SER A 136 7.79 -26.58 -23.13
N ARG A 137 6.74 -25.78 -22.91
CA ARG A 137 6.07 -25.08 -23.98
C ARG A 137 7.06 -24.15 -24.70
N PHE A 138 7.82 -23.37 -23.93
CA PHE A 138 8.90 -22.55 -24.46
C PHE A 138 9.90 -23.39 -25.21
N ARG A 139 10.22 -24.56 -24.64
CA ARG A 139 11.20 -25.47 -25.20
C ARG A 139 10.68 -26.01 -26.55
N MET A 140 9.40 -26.37 -26.59
CA MET A 140 8.76 -26.85 -27.80
C MET A 140 8.66 -25.79 -28.88
N MET A 141 8.47 -24.53 -28.45
CA MET A 141 8.40 -23.38 -29.36
C MET A 141 9.76 -22.84 -29.80
N ASN A 142 10.85 -23.35 -29.20
CA ASN A 142 12.19 -22.86 -29.46
C ASN A 142 12.23 -21.37 -29.26
N LEU A 143 11.69 -20.91 -28.12
CA LEU A 143 11.75 -19.53 -27.76
C LEU A 143 13.20 -19.07 -27.76
N GLN A 144 13.45 -17.93 -28.41
CA GLN A 144 14.76 -17.29 -28.50
C GLN A 144 14.91 -16.19 -27.43
N GLY A 145 16.15 -15.90 -27.05
CA GLY A 145 16.48 -14.92 -26.04
C GLY A 145 15.95 -13.54 -26.40
N GLU A 146 16.03 -13.20 -27.69
CA GLU A 146 15.54 -11.92 -28.21
C GLU A 146 14.02 -11.79 -28.04
N GLU A 147 13.29 -12.90 -28.23
CA GLU A 147 11.85 -12.98 -27.98
C GLU A 147 11.54 -12.86 -26.47
N PHE A 148 12.31 -13.60 -25.66
CA PHE A 148 12.16 -13.64 -24.22
C PHE A 148 12.19 -12.22 -23.57
N VAL A 149 13.17 -11.41 -23.96
CA VAL A 149 13.32 -10.08 -23.39
C VAL A 149 12.15 -9.18 -23.81
N CYS A 150 11.62 -9.41 -25.00
CA CYS A 150 10.46 -8.69 -25.51
C CYS A 150 9.23 -9.05 -24.71
N LEU A 151 9.07 -10.34 -24.43
CA LEU A 151 7.92 -10.83 -23.66
C LEU A 151 7.95 -10.27 -22.25
N LYS A 152 9.15 -10.21 -21.66
CA LYS A 152 9.32 -9.79 -20.30
C LYS A 152 8.96 -8.32 -20.09
N SER A 153 9.35 -7.47 -21.07
CA SER A 153 8.99 -6.06 -21.14
C SER A 153 7.48 -5.84 -21.32
N ILE A 154 6.88 -6.64 -22.20
CA ILE A 154 5.43 -6.66 -22.41
C ILE A 154 4.70 -6.90 -21.08
N ILE A 155 5.06 -7.96 -20.36
CA ILE A 155 4.56 -8.23 -19.00
C ILE A 155 4.64 -7.00 -18.05
N LEU A 156 5.76 -6.29 -18.06
CA LEU A 156 5.95 -5.16 -17.19
C LEU A 156 4.95 -4.05 -17.54
N LEU A 157 4.88 -3.70 -18.83
CA LEU A 157 4.07 -2.57 -19.30
C LEU A 157 2.59 -2.91 -19.38
N ASN A 158 2.28 -4.19 -19.61
CA ASN A 158 0.90 -4.61 -19.84
C ASN A 158 0.13 -4.97 -18.58
N SER A 159 0.80 -5.54 -17.58
CA SER A 159 0.11 -6.19 -16.47
C SER A 159 -0.62 -5.19 -15.60
N GLY A 160 -0.10 -3.96 -15.51
CA GLY A 160 -0.63 -2.96 -14.64
C GLY A 160 -1.46 -1.92 -15.33
N VAL A 161 -1.26 -1.78 -16.65
CA VAL A 161 -1.79 -0.63 -17.41
C VAL A 161 -3.31 -0.45 -17.28
N TYR A 162 -4.04 -1.57 -17.17
CA TYR A 162 -5.50 -1.57 -17.12
C TYR A 162 -6.11 -1.25 -15.75
N THR A 163 -5.28 -0.92 -14.74
CA THR A 163 -5.77 -0.75 -13.37
C THR A 163 -5.23 0.46 -12.60
N PHE A 164 -4.72 1.47 -13.32
CA PHE A 164 -4.18 2.68 -12.67
C PHE A 164 -5.22 3.38 -11.82
N LYS A 170 -3.43 13.53 -17.39
CA LYS A 170 -2.09 13.03 -17.10
C LYS A 170 -2.09 11.50 -17.16
N SER A 171 -2.86 10.88 -16.25
CA SER A 171 -2.97 9.42 -16.17
C SER A 171 -3.46 8.84 -17.51
N LEU A 172 -4.24 9.63 -18.24
CA LEU A 172 -4.71 9.31 -19.59
C LEU A 172 -3.57 9.28 -20.63
N GLU A 173 -2.69 10.28 -20.57
CA GLU A 173 -1.54 10.38 -21.46
C GLU A 173 -0.50 9.29 -21.19
N GLU A 174 -0.40 8.86 -19.92
CA GLU A 174 0.50 7.77 -19.51
C GLU A 174 0.14 6.45 -20.22
N LYS A 175 -1.16 6.12 -20.26
CA LYS A 175 -1.65 4.91 -20.93
C LYS A 175 -1.36 4.87 -22.45
N ASP A 176 -1.54 6.01 -23.14
CA ASP A 176 -1.27 6.10 -24.58
C ASP A 176 0.20 5.83 -24.87
N HIS A 177 1.07 6.41 -24.02
CA HIS A 177 2.51 6.24 -24.14
C HIS A 177 2.91 4.76 -24.00
N ILE A 178 2.31 4.11 -22.99
CA ILE A 178 2.50 2.69 -22.74
C ILE A 178 2.00 1.84 -23.91
N HIS A 179 0.86 2.24 -24.48
CA HIS A 179 0.29 1.51 -25.58
C HIS A 179 1.17 1.65 -26.81
N ARG A 180 1.86 2.80 -26.92
CA ARG A 180 2.75 3.08 -28.05
C ARG A 180 4.02 2.23 -27.97
N VAL A 181 4.62 2.18 -26.77
CA VAL A 181 5.82 1.38 -26.53
C VAL A 181 5.50 -0.08 -26.82
N LEU A 182 4.33 -0.54 -26.36
CA LEU A 182 3.91 -1.93 -26.56
C LEU A 182 3.77 -2.29 -28.04
N ASP A 183 3.19 -1.36 -28.83
CA ASP A 183 3.14 -1.51 -30.28
C ASP A 183 4.54 -1.59 -30.89
N LYS A 184 5.50 -0.87 -30.28
CA LYS A 184 6.88 -0.96 -30.71
C LYS A 184 7.46 -2.35 -30.43
N ILE A 185 7.17 -2.90 -29.25
CA ILE A 185 7.61 -4.25 -28.91
C ILE A 185 6.96 -5.31 -29.83
N THR A 186 5.67 -5.10 -30.18
CA THR A 186 5.01 -5.99 -31.11
C THR A 186 5.76 -6.03 -32.44
N ASP A 187 6.00 -4.82 -32.99
CA ASP A 187 6.76 -4.63 -34.23
C ASP A 187 8.13 -5.29 -34.16
N THR A 188 8.84 -5.05 -33.06
CA THR A 188 10.14 -5.68 -32.79
C THR A 188 10.02 -7.20 -32.86
N LEU A 189 9.02 -7.76 -32.16
CA LEU A 189 8.80 -9.21 -32.20
C LEU A 189 8.58 -9.73 -33.61
N ILE A 190 7.73 -9.04 -34.38
CA ILE A 190 7.42 -9.41 -35.76
C ILE A 190 8.70 -9.37 -36.63
N HIS A 191 9.53 -8.36 -36.41
CA HIS A 191 10.77 -8.18 -37.16
C HIS A 191 11.76 -9.32 -36.97
N LEU A 192 11.97 -9.74 -35.72
CA LEU A 192 12.80 -10.89 -35.39
C LEU A 192 12.33 -12.15 -36.14
N MET A 193 11.02 -12.38 -36.14
CA MET A 193 10.40 -13.52 -36.85
C MET A 193 10.60 -13.46 -38.36
N ALA A 194 10.44 -12.25 -38.93
CA ALA A 194 10.65 -12.01 -40.35
C ALA A 194 12.09 -12.28 -40.72
N LYS A 195 13.02 -11.65 -39.99
CA LYS A 195 14.47 -11.86 -40.13
C LYS A 195 14.87 -13.33 -39.98
N ALA A 196 14.18 -14.07 -39.09
CA ALA A 196 14.40 -15.51 -38.90
C ALA A 196 13.81 -16.37 -40.03
N GLY A 197 13.09 -15.75 -40.98
CA GLY A 197 12.64 -16.40 -42.19
C GLY A 197 11.19 -16.90 -42.19
N LEU A 198 10.45 -16.62 -41.11
CA LEU A 198 9.05 -17.08 -40.98
C LEU A 198 8.18 -16.31 -41.96
N THR A 199 7.25 -17.00 -42.64
CA THR A 199 6.22 -16.37 -43.45
C THR A 199 5.32 -15.49 -42.59
N LEU A 200 4.53 -14.64 -43.26
CA LEU A 200 3.57 -13.75 -42.64
C LEU A 200 2.56 -14.51 -41.79
N GLN A 201 1.97 -15.56 -42.35
CA GLN A 201 1.04 -16.41 -41.64
C GLN A 201 1.70 -17.00 -40.39
N GLN A 202 2.93 -17.49 -40.56
CA GLN A 202 3.71 -18.02 -39.45
C GLN A 202 4.05 -16.96 -38.40
N GLN A 203 4.42 -15.76 -38.86
CA GLN A 203 4.67 -14.63 -37.98
C GLN A 203 3.48 -14.30 -37.09
N HIS A 204 2.31 -14.12 -37.70
CA HIS A 204 1.11 -13.73 -36.92
C HIS A 204 0.76 -14.88 -35.94
N GLN A 205 0.97 -16.12 -36.36
CA GLN A 205 0.66 -17.28 -35.53
C GLN A 205 1.54 -17.39 -34.32
N ARG A 206 2.85 -17.18 -34.51
CA ARG A 206 3.80 -17.33 -33.43
C ARG A 206 3.62 -16.18 -32.44
N LEU A 207 3.40 -14.97 -32.95
CA LEU A 207 3.08 -13.81 -32.12
C LEU A 207 1.90 -14.10 -31.17
N ALA A 208 0.81 -14.62 -31.74
CA ALA A 208 -0.36 -15.04 -30.97
C ALA A 208 -0.07 -16.10 -29.91
N GLN A 209 0.69 -17.12 -30.28
CA GLN A 209 1.03 -18.21 -29.35
C GLN A 209 1.81 -17.67 -28.16
N LEU A 210 2.74 -16.75 -28.43
CA LEU A 210 3.57 -16.16 -27.39
C LEU A 210 2.75 -15.33 -26.42
N LEU A 211 1.87 -14.50 -26.97
CA LEU A 211 1.10 -13.58 -26.17
C LEU A 211 0.05 -14.36 -25.39
N LEU A 212 -0.49 -15.43 -25.98
CA LEU A 212 -1.44 -16.27 -25.26
C LEU A 212 -0.85 -16.97 -24.01
N ILE A 213 0.44 -17.27 -24.04
CA ILE A 213 1.16 -17.81 -22.89
C ILE A 213 1.27 -16.82 -21.72
N LEU A 214 1.31 -15.51 -22.01
CA LEU A 214 1.24 -14.45 -21.01
C LEU A 214 0.04 -14.59 -20.10
N SER A 215 -1.07 -15.08 -20.65
CA SER A 215 -2.29 -15.31 -19.89
C SER A 215 -2.11 -16.40 -18.84
N HIS A 216 -1.37 -17.45 -19.23
CA HIS A 216 -1.01 -18.50 -18.28
C HIS A 216 -0.04 -18.01 -17.19
N ILE A 217 0.90 -17.14 -17.57
CA ILE A 217 1.84 -16.54 -16.64
C ILE A 217 1.10 -15.68 -15.60
N ARG A 218 0.08 -14.94 -16.05
CA ARG A 218 -0.73 -14.15 -15.16
C ARG A 218 -1.44 -15.05 -14.16
N HIS A 219 -1.97 -16.17 -14.66
CA HIS A 219 -2.69 -17.12 -13.84
C HIS A 219 -1.77 -17.77 -12.79
N MET A 220 -0.59 -18.23 -13.20
CA MET A 220 0.38 -18.78 -12.29
C MET A 220 0.71 -17.80 -11.16
N SER A 221 0.85 -16.53 -11.53
CA SER A 221 1.18 -15.49 -10.60
C SER A 221 0.09 -15.34 -9.55
N ASN A 222 -1.16 -15.31 -10.00
CA ASN A 222 -2.32 -15.14 -9.15
C ASN A 222 -2.52 -16.34 -8.24
N LYS A 223 -2.42 -17.54 -8.81
CA LYS A 223 -2.50 -18.81 -8.08
C LYS A 223 -1.47 -18.82 -6.94
N GLY A 224 -0.24 -18.38 -7.26
CA GLY A 224 0.86 -18.32 -6.31
C GLY A 224 0.55 -17.47 -5.12
N MET A 225 0.10 -16.25 -5.37
CA MET A 225 -0.37 -15.31 -4.35
C MET A 225 -1.44 -15.92 -3.47
N GLU A 226 -2.44 -16.54 -4.11
CA GLU A 226 -3.54 -17.22 -3.44
C GLU A 226 -3.04 -18.28 -2.47
N HIS A 227 -2.14 -19.15 -2.96
CA HIS A 227 -1.58 -20.24 -2.16
C HIS A 227 -0.74 -19.72 -1.01
N LEU A 228 0.08 -18.71 -1.32
CA LEU A 228 0.84 -17.99 -0.31
C LEU A 228 -0.08 -17.53 0.82
N TYR A 229 -1.21 -16.89 0.46
CA TYR A 229 -2.16 -16.44 1.46
C TYR A 229 -2.83 -17.61 2.21
N SER A 230 -3.03 -18.75 1.52
CA SER A 230 -3.69 -19.91 2.10
C SER A 230 -2.83 -20.67 3.11
N MET A 231 -1.51 -20.55 3.01
CA MET A 231 -0.59 -21.29 3.86
C MET A 231 -0.46 -20.69 5.27
N LYS A 234 2.80 -15.43 9.49
CA LYS A 234 2.43 -14.94 8.18
C LYS A 234 3.45 -15.44 7.17
N ASN A 235 3.77 -14.56 6.26
CA ASN A 235 4.75 -14.73 5.21
C ASN A 235 4.65 -13.37 4.61
N VAL A 236 5.69 -12.52 4.70
CA VAL A 236 5.50 -11.22 4.04
C VAL A 236 5.87 -11.19 2.57
N VAL A 237 5.14 -10.36 1.88
CA VAL A 237 5.17 -10.14 0.45
C VAL A 237 5.61 -8.71 0.20
N PRO A 238 6.04 -8.39 -1.03
CA PRO A 238 6.45 -7.01 -1.25
C PRO A 238 5.29 -6.05 -1.35
N SER A 239 5.37 -4.99 -0.59
CA SER A 239 4.31 -4.02 -0.61
C SER A 239 4.59 -2.92 -1.58
N TYR A 240 3.60 -2.07 -1.74
CA TYR A 240 3.69 -0.89 -2.55
C TYR A 240 4.80 -0.02 -2.02
N ASP A 241 4.74 0.18 -0.71
CA ASP A 241 5.75 0.91 0.01
C ASP A 241 7.16 0.39 -0.34
N LEU A 242 7.46 -0.87 -0.07
CA LEU A 242 8.75 -1.48 -0.43
C LEU A 242 9.21 -1.23 -1.86
N LEU A 243 8.29 -1.34 -2.81
CA LEU A 243 8.58 -1.11 -4.21
C LEU A 243 8.96 0.32 -4.48
N LEU A 244 8.29 1.25 -3.80
CA LEU A 244 8.56 2.69 -3.89
C LEU A 244 9.87 3.12 -3.22
N GLU A 245 10.22 2.52 -2.08
CA GLU A 245 11.53 2.75 -1.44
C GLU A 245 12.65 2.55 -2.46
N MET A 246 12.62 1.37 -3.10
CA MET A 246 13.69 0.92 -3.98
C MET A 246 13.76 1.74 -5.25
N LEU A 247 12.60 2.03 -5.83
CA LEU A 247 12.49 2.91 -7.00
C LEU A 247 13.25 4.22 -6.71
N ASP A 248 13.03 4.76 -5.51
CA ASP A 248 13.61 6.02 -5.08
C ASP A 248 15.13 5.96 -4.83
N ALA A 249 15.64 4.80 -4.43
CA ALA A 249 17.07 4.57 -4.37
C ALA A 249 17.67 4.34 -5.78
N LYS B 6 -6.72 -36.12 -36.24
CA LYS B 6 -8.12 -35.66 -36.47
C LYS B 6 -8.58 -35.85 -37.93
N ASN B 7 -9.90 -35.73 -38.14
CA ASN B 7 -10.52 -35.56 -39.44
C ASN B 7 -11.31 -34.24 -39.40
N SER B 8 -10.75 -33.26 -38.67
CA SER B 8 -11.50 -32.10 -38.17
C SER B 8 -12.03 -31.18 -39.28
N LEU B 9 -13.36 -31.15 -39.42
CA LEU B 9 -14.06 -30.20 -40.28
C LEU B 9 -13.74 -28.74 -39.89
N ALA B 10 -13.41 -28.55 -38.61
CA ALA B 10 -13.08 -27.23 -38.04
C ALA B 10 -11.78 -26.59 -38.58
N LEU B 11 -10.76 -27.40 -38.84
CA LEU B 11 -9.46 -26.92 -39.32
C LEU B 11 -9.47 -26.54 -40.80
N SER B 12 -10.53 -26.92 -41.52
CA SER B 12 -10.69 -26.68 -42.95
C SER B 12 -11.58 -25.46 -43.29
N LEU B 13 -11.97 -24.69 -42.27
CA LEU B 13 -12.85 -23.55 -42.47
C LEU B 13 -12.05 -22.34 -42.92
N THR B 14 -12.62 -21.54 -43.84
CA THR B 14 -12.09 -20.22 -44.16
C THR B 14 -12.39 -19.29 -42.98
N ALA B 15 -11.74 -18.12 -43.01
CA ALA B 15 -11.92 -17.07 -42.03
C ALA B 15 -13.36 -16.58 -42.00
N ASP B 16 -13.93 -16.37 -43.19
CA ASP B 16 -15.33 -15.96 -43.32
C ASP B 16 -16.31 -17.01 -42.75
N GLN B 17 -16.03 -18.30 -43.00
CA GLN B 17 -16.80 -19.40 -42.42
C GLN B 17 -16.68 -19.49 -40.88
N MET B 18 -15.48 -19.23 -40.36
CA MET B 18 -15.23 -19.26 -38.94
C MET B 18 -16.08 -18.19 -38.22
N VAL B 19 -16.06 -16.98 -38.78
CA VAL B 19 -16.83 -15.85 -38.24
C VAL B 19 -18.35 -16.13 -38.26
N SER B 20 -18.88 -16.51 -39.43
CA SER B 20 -20.31 -16.85 -39.56
C SER B 20 -20.75 -17.89 -38.56
N ALA B 21 -19.95 -18.95 -38.38
CA ALA B 21 -20.26 -20.00 -37.43
C ALA B 21 -20.28 -19.47 -35.98
N LEU B 22 -19.33 -18.58 -35.67
CA LEU B 22 -19.28 -17.93 -34.37
C LEU B 22 -20.43 -16.96 -34.15
N LEU B 23 -20.75 -16.15 -35.17
CA LEU B 23 -21.91 -15.27 -35.15
C LEU B 23 -23.22 -16.04 -34.93
N ASP B 24 -23.43 -17.12 -35.70
CA ASP B 24 -24.58 -18.04 -35.50
C ASP B 24 -24.73 -18.61 -34.08
N ALA B 25 -23.58 -18.86 -33.43
CA ALA B 25 -23.55 -19.58 -32.17
C ALA B 25 -23.78 -18.68 -30.97
N GLU B 26 -23.76 -17.36 -31.21
CA GLU B 26 -23.88 -16.34 -30.15
C GLU B 26 -25.13 -16.53 -29.30
N PRO B 27 -25.00 -16.58 -27.95
CA PRO B 27 -26.18 -16.61 -27.10
C PRO B 27 -27.00 -15.33 -27.18
N PRO B 28 -28.29 -15.34 -26.81
CA PRO B 28 -29.05 -14.09 -26.72
C PRO B 28 -28.66 -13.28 -25.46
N ILE B 29 -28.96 -11.99 -25.45
CA ILE B 29 -28.87 -11.17 -24.25
C ILE B 29 -30.04 -11.53 -23.33
N LEU B 30 -29.73 -11.90 -22.08
CA LEU B 30 -30.76 -12.22 -21.08
C LEU B 30 -31.11 -10.99 -20.21
N TYR B 31 -32.31 -11.05 -19.62
CA TYR B 31 -32.85 -10.02 -18.74
C TYR B 31 -32.66 -10.47 -17.32
N SER B 32 -32.41 -9.52 -16.41
CA SER B 32 -32.15 -9.81 -15.00
C SER B 32 -33.35 -10.50 -14.31
N SER B 44 -30.94 -9.30 -3.09
CA SER B 44 -29.52 -9.03 -3.03
C SER B 44 -28.99 -8.79 -4.45
N MET B 45 -27.93 -7.98 -4.54
CA MET B 45 -27.26 -7.80 -5.82
C MET B 45 -26.61 -9.11 -6.24
N MET B 46 -25.96 -9.78 -5.30
CA MET B 46 -25.40 -11.10 -5.52
C MET B 46 -26.48 -12.09 -6.02
N GLY B 47 -27.70 -11.95 -5.50
CA GLY B 47 -28.85 -12.73 -5.93
C GLY B 47 -29.19 -12.52 -7.39
N LEU B 48 -29.30 -11.24 -7.78
CA LEU B 48 -29.60 -10.88 -9.17
C LEU B 48 -28.56 -11.42 -10.15
N LEU B 49 -27.28 -11.20 -9.81
CA LEU B 49 -26.17 -11.60 -10.67
C LEU B 49 -26.08 -13.11 -10.79
N THR B 50 -26.27 -13.79 -9.66
CA THR B 50 -26.24 -15.24 -9.60
C THR B 50 -27.34 -15.85 -10.47
N ASN B 51 -28.55 -15.30 -10.35
CA ASN B 51 -29.70 -15.71 -11.15
C ASN B 51 -29.40 -15.59 -12.63
N LEU B 52 -28.89 -14.43 -13.02
CA LEU B 52 -28.52 -14.15 -14.38
C LEU B 52 -27.45 -15.09 -14.91
N ALA B 53 -26.35 -15.19 -14.15
CA ALA B 53 -25.17 -15.94 -14.54
C ALA B 53 -25.54 -17.38 -14.73
N ASP B 54 -26.32 -17.92 -13.79
CA ASP B 54 -26.87 -19.30 -13.83
C ASP B 54 -27.58 -19.58 -15.17
N ARG B 55 -28.46 -18.66 -15.57
CA ARG B 55 -29.17 -18.78 -16.83
C ARG B 55 -28.22 -18.62 -18.02
N GLU B 56 -27.23 -17.73 -17.92
CA GLU B 56 -26.23 -17.55 -18.96
C GLU B 56 -25.38 -18.81 -19.17
N LEU B 57 -25.05 -19.49 -18.07
CA LEU B 57 -24.19 -20.66 -18.14
C LEU B 57 -24.75 -21.78 -19.02
N VAL B 58 -26.07 -21.96 -18.98
CA VAL B 58 -26.75 -22.97 -19.78
C VAL B 58 -26.55 -22.70 -21.27
N HIS B 59 -26.69 -21.42 -21.65
CA HIS B 59 -26.41 -20.95 -23.00
C HIS B 59 -24.95 -21.14 -23.37
N MET B 60 -24.05 -20.87 -22.42
CA MET B 60 -22.60 -21.01 -22.64
C MET B 60 -22.18 -22.46 -22.99
N ILE B 61 -22.66 -23.43 -22.19
CA ILE B 61 -22.46 -24.86 -22.45
C ILE B 61 -22.80 -25.16 -23.92
N ASN B 62 -24.03 -24.76 -24.30
CA ASN B 62 -24.52 -25.01 -25.64
C ASN B 62 -23.76 -24.25 -26.68
N TRP B 63 -23.36 -23.01 -26.38
CA TRP B 63 -22.51 -22.23 -27.29
C TRP B 63 -21.13 -22.86 -27.51
N ALA B 64 -20.52 -23.39 -26.44
CA ALA B 64 -19.20 -24.03 -26.51
C ALA B 64 -19.17 -25.22 -27.46
N LYS B 65 -20.23 -26.04 -27.42
CA LYS B 65 -20.40 -27.17 -28.33
C LYS B 65 -20.38 -26.76 -29.80
N ARG B 66 -20.65 -25.48 -30.07
CA ARG B 66 -20.68 -24.95 -31.43
C ARG B 66 -19.40 -24.22 -31.85
N VAL B 67 -18.50 -23.94 -30.90
CA VAL B 67 -17.17 -23.41 -31.22
C VAL B 67 -16.40 -24.49 -31.97
N PRO B 68 -16.03 -24.26 -33.26
CA PRO B 68 -15.26 -25.24 -34.03
C PRO B 68 -14.03 -25.79 -33.31
N GLY B 69 -13.98 -27.13 -33.23
CA GLY B 69 -12.89 -27.84 -32.59
C GLY B 69 -13.24 -28.37 -31.21
N PHE B 70 -14.19 -27.70 -30.54
CA PHE B 70 -14.51 -28.01 -29.16
C PHE B 70 -15.05 -29.41 -28.97
N VAL B 71 -16.02 -29.80 -29.81
CA VAL B 71 -16.62 -31.13 -29.70
C VAL B 71 -15.67 -32.26 -30.07
N ASP B 72 -14.63 -31.95 -30.85
CA ASP B 72 -13.58 -32.91 -31.21
C ASP B 72 -12.77 -33.38 -29.98
N LEU B 73 -12.85 -32.62 -28.87
CA LEU B 73 -12.19 -32.99 -27.63
C LEU B 73 -13.03 -33.98 -26.83
N THR B 74 -12.38 -34.73 -25.93
CA THR B 74 -13.05 -35.59 -24.97
C THR B 74 -13.83 -34.74 -23.96
N SER B 75 -14.79 -35.37 -23.28
CA SER B 75 -15.65 -34.70 -22.29
C SER B 75 -14.85 -34.13 -21.11
N HIS B 76 -13.81 -34.87 -20.69
CA HIS B 76 -12.95 -34.45 -19.61
C HIS B 76 -12.37 -33.09 -19.99
N ASP B 77 -11.81 -33.03 -21.20
CA ASP B 77 -11.14 -31.82 -21.71
C ASP B 77 -12.09 -30.66 -21.97
N GLN B 78 -13.28 -30.95 -22.53
CA GLN B 78 -14.30 -29.94 -22.72
C GLN B 78 -14.68 -29.30 -21.37
N VAL B 79 -14.92 -30.14 -20.37
CA VAL B 79 -15.32 -29.66 -19.05
C VAL B 79 -14.22 -28.85 -18.35
N HIS B 80 -12.97 -29.27 -18.57
CA HIS B 80 -11.80 -28.61 -18.00
C HIS B 80 -11.68 -27.18 -18.55
N LEU B 81 -11.77 -27.06 -19.88
CA LEU B 81 -11.78 -25.77 -20.56
C LEU B 81 -12.88 -24.85 -20.03
N LEU B 82 -14.07 -25.42 -19.78
CA LEU B 82 -15.21 -24.62 -19.38
C LEU B 82 -15.07 -24.17 -17.95
N GLU B 83 -14.63 -25.11 -17.10
CA GLU B 83 -14.35 -24.83 -15.72
C GLU B 83 -13.32 -23.71 -15.62
N YCM B 84 -12.29 -23.75 -16.48
CA YCM B 84 -11.25 -22.74 -16.46
CB YCM B 84 -10.02 -23.22 -17.19
SG YCM B 84 -9.10 -24.57 -16.41
CD YCM B 84 -7.94 -23.61 -15.42
CE YCM B 84 -8.62 -22.89 -14.26
OZ1 YCM B 84 -8.51 -21.68 -14.17
NZ2 YCM B 84 -9.28 -23.64 -13.40
C YCM B 84 -11.72 -21.41 -17.06
O YCM B 84 -11.22 -20.36 -16.65
N ALA B 85 -12.68 -21.44 -18.00
CA ALA B 85 -13.00 -20.24 -18.78
C ALA B 85 -14.31 -19.50 -18.40
N TRP B 86 -15.23 -20.19 -17.72
CA TRP B 86 -16.61 -19.73 -17.59
C TRP B 86 -16.74 -18.27 -17.09
N LEU B 87 -15.89 -17.84 -16.15
CA LEU B 87 -16.06 -16.52 -15.57
C LEU B 87 -15.53 -15.45 -16.51
N GLU B 88 -14.38 -15.72 -17.15
CA GLU B 88 -13.82 -14.83 -18.16
C GLU B 88 -14.78 -14.59 -19.30
N ILE B 89 -15.51 -15.63 -19.68
CA ILE B 89 -16.51 -15.56 -20.76
C ILE B 89 -17.72 -14.74 -20.35
N LEU B 90 -18.20 -14.97 -19.12
CA LEU B 90 -19.24 -14.12 -18.53
C LEU B 90 -18.76 -12.69 -18.58
N MET B 91 -17.55 -12.47 -18.09
CA MET B 91 -16.94 -11.15 -18.04
C MET B 91 -16.75 -10.42 -19.36
N ILE B 92 -16.26 -11.12 -20.38
CA ILE B 92 -16.06 -10.48 -21.66
C ILE B 92 -17.41 -10.14 -22.33
N GLY B 93 -18.40 -11.02 -22.14
CA GLY B 93 -19.76 -10.75 -22.55
C GLY B 93 -20.28 -9.44 -21.98
N LEU B 94 -20.10 -9.30 -20.66
CA LEU B 94 -20.55 -8.13 -19.92
C LEU B 94 -19.87 -6.88 -20.47
N VAL B 95 -18.56 -6.99 -20.71
CA VAL B 95 -17.77 -5.87 -21.16
C VAL B 95 -18.26 -5.42 -22.54
N TRP B 96 -18.52 -6.37 -23.43
CA TRP B 96 -19.00 -6.11 -24.78
C TRP B 96 -20.37 -5.39 -24.75
N ARG B 97 -21.30 -5.90 -23.93
CA ARG B 97 -22.60 -5.27 -23.79
C ARG B 97 -22.52 -3.83 -23.26
N SER B 98 -21.48 -3.55 -22.46
CA SER B 98 -21.39 -2.30 -21.73
C SER B 98 -20.68 -1.18 -22.51
N MET B 99 -20.14 -1.54 -23.68
CA MET B 99 -19.24 -0.67 -24.43
C MET B 99 -19.80 0.68 -24.76
N GLU B 100 -21.07 0.73 -25.19
CA GLU B 100 -21.73 1.98 -25.53
C GLU B 100 -22.47 2.59 -24.33
N HIS B 101 -22.02 2.26 -23.12
CA HIS B 101 -22.53 2.82 -21.87
C HIS B 101 -21.36 3.17 -20.95
N PRO B 102 -20.52 4.16 -21.35
CA PRO B 102 -19.37 4.57 -20.53
C PRO B 102 -19.74 4.86 -19.07
N GLY B 103 -18.92 4.33 -18.15
CA GLY B 103 -19.11 4.47 -16.72
C GLY B 103 -20.11 3.50 -16.11
N LYS B 104 -20.69 2.62 -16.93
CA LYS B 104 -21.74 1.71 -16.49
C LYS B 104 -21.55 0.31 -17.07
N LEU B 105 -21.99 -0.69 -16.29
CA LEU B 105 -21.94 -2.09 -16.66
C LEU B 105 -23.36 -2.53 -16.92
N LEU B 106 -23.59 -3.09 -18.12
CA LEU B 106 -24.90 -3.53 -18.59
C LEU B 106 -24.98 -5.02 -18.39
N PHE B 107 -25.34 -5.41 -17.16
CA PHE B 107 -25.51 -6.81 -16.79
C PHE B 107 -26.67 -7.38 -17.61
N ALA B 108 -27.72 -6.56 -17.75
CA ALA B 108 -28.87 -6.89 -18.54
C ALA B 108 -29.49 -5.59 -19.00
N PRO B 109 -30.32 -5.58 -20.06
CA PRO B 109 -30.97 -4.36 -20.52
C PRO B 109 -31.80 -3.69 -19.42
N ASN B 110 -32.29 -4.49 -18.48
CA ASN B 110 -33.03 -4.01 -17.32
C ASN B 110 -32.19 -3.97 -16.04
N LEU B 111 -30.85 -3.98 -16.17
CA LEU B 111 -29.92 -3.99 -15.04
C LEU B 111 -28.57 -3.39 -15.43
N LEU B 112 -28.56 -2.05 -15.48
CA LEU B 112 -27.43 -1.24 -15.90
C LEU B 112 -26.88 -0.61 -14.63
N LEU B 113 -25.62 -0.93 -14.26
CA LEU B 113 -25.04 -0.54 -12.98
C LEU B 113 -23.80 0.33 -13.12
N ASP B 114 -23.75 1.39 -12.29
CA ASP B 114 -22.58 2.23 -12.16
C ASP B 114 -21.64 1.67 -11.09
N ARG B 115 -20.44 2.22 -11.09
CA ARG B 115 -19.38 1.91 -10.15
C ARG B 115 -19.82 1.83 -8.69
N ASN B 116 -20.53 2.88 -8.25
CA ASN B 116 -20.97 3.05 -6.86
C ASN B 116 -21.85 1.93 -6.33
N GLN B 117 -22.53 1.22 -7.24
CA GLN B 117 -23.38 0.10 -6.86
C GLN B 117 -22.56 -1.16 -6.61
N GLY B 118 -21.39 -1.26 -7.25
CA GLY B 118 -20.46 -2.32 -6.99
C GLY B 118 -20.08 -2.34 -5.51
N LYS B 119 -20.12 -1.16 -4.88
CA LYS B 119 -19.80 -0.97 -3.46
C LYS B 119 -20.67 -1.76 -2.48
N CYS B 120 -21.93 -2.02 -2.86
CA CYS B 120 -22.86 -2.72 -1.96
C CYS B 120 -22.27 -4.08 -1.55
N VAL B 121 -21.48 -4.70 -2.44
CA VAL B 121 -20.84 -6.00 -2.19
C VAL B 121 -19.34 -5.89 -1.84
N GLU B 122 -18.94 -6.68 -0.84
CA GLU B 122 -17.57 -6.88 -0.41
C GLU B 122 -16.68 -7.24 -1.58
N GLY B 123 -15.68 -6.39 -1.85
CA GLY B 123 -14.64 -6.63 -2.83
C GLY B 123 -15.00 -6.40 -4.29
N MET B 124 -16.23 -5.93 -4.55
CA MET B 124 -16.79 -5.94 -5.91
C MET B 124 -16.46 -4.69 -6.72
N VAL B 125 -16.31 -3.56 -6.03
CA VAL B 125 -15.97 -2.28 -6.62
C VAL B 125 -14.70 -2.33 -7.43
N GLU B 126 -13.72 -3.10 -6.91
CA GLU B 126 -12.42 -3.29 -7.55
C GLU B 126 -12.60 -4.01 -8.89
N ILE B 127 -13.37 -5.10 -8.85
CA ILE B 127 -13.62 -5.91 -10.03
C ILE B 127 -14.44 -5.11 -11.06
N PHE B 128 -15.38 -4.28 -10.57
CA PHE B 128 -16.19 -3.40 -11.37
C PHE B 128 -15.36 -2.37 -12.12
N ASP B 129 -14.45 -1.72 -11.42
CA ASP B 129 -13.52 -0.77 -12.02
C ASP B 129 -12.71 -1.41 -13.11
N MET B 130 -12.21 -2.63 -12.86
CA MET B 130 -11.49 -3.41 -13.85
C MET B 130 -12.38 -3.70 -15.05
N LEU B 131 -13.64 -4.08 -14.80
CA LEU B 131 -14.57 -4.39 -15.87
C LEU B 131 -14.77 -3.17 -16.73
N LEU B 132 -15.00 -2.02 -16.09
CA LEU B 132 -15.16 -0.74 -16.76
C LEU B 132 -13.94 -0.31 -17.58
N ALA B 133 -12.73 -0.59 -17.07
CA ALA B 133 -11.47 -0.28 -17.74
C ALA B 133 -11.38 -1.05 -19.02
N THR B 134 -11.76 -2.33 -18.95
CA THR B 134 -11.73 -3.20 -20.12
C THR B 134 -12.71 -2.71 -21.18
N SER B 135 -13.88 -2.25 -20.73
CA SER B 135 -14.93 -1.73 -21.58
C SER B 135 -14.47 -0.50 -22.36
N SER B 136 -13.78 0.42 -21.69
CA SER B 136 -13.28 1.62 -22.36
C SER B 136 -12.19 1.27 -23.35
N ARG B 137 -11.34 0.32 -22.98
CA ARG B 137 -10.26 -0.12 -23.86
C ARG B 137 -10.84 -0.65 -25.17
N PHE B 138 -11.84 -1.53 -25.06
CA PHE B 138 -12.59 -2.03 -26.22
C PHE B 138 -13.18 -0.86 -27.00
N ARG B 139 -13.73 0.10 -26.26
CA ARG B 139 -14.38 1.26 -26.85
C ARG B 139 -13.38 2.12 -27.61
N MET B 140 -12.21 2.32 -27.02
CA MET B 140 -11.13 3.07 -27.65
C MET B 140 -10.57 2.36 -28.87
N MET B 141 -10.58 1.02 -28.85
CA MET B 141 -10.16 0.21 -29.98
C MET B 141 -11.20 0.01 -31.07
N ASN B 142 -12.44 0.44 -30.83
CA ASN B 142 -13.55 0.20 -31.74
C ASN B 142 -13.66 -1.29 -32.04
N LEU B 143 -13.65 -2.11 -30.99
CA LEU B 143 -13.83 -3.53 -31.11
C LEU B 143 -15.12 -3.81 -31.88
N GLN B 144 -15.02 -4.70 -32.88
CA GLN B 144 -16.14 -5.17 -33.68
C GLN B 144 -16.69 -6.50 -33.18
N GLY B 145 -17.98 -6.76 -33.48
CA GLY B 145 -18.66 -7.97 -33.07
C GLY B 145 -17.97 -9.22 -33.60
N GLU B 146 -17.46 -9.15 -34.83
CA GLU B 146 -16.73 -10.25 -35.46
C GLU B 146 -15.43 -10.57 -34.70
N GLU B 147 -14.75 -9.53 -34.19
CA GLU B 147 -13.57 -9.67 -33.36
C GLU B 147 -13.92 -10.27 -31.98
N PHE B 148 -15.00 -9.75 -31.40
CA PHE B 148 -15.48 -10.15 -30.09
C PHE B 148 -15.72 -11.66 -29.98
N VAL B 149 -16.42 -12.23 -30.97
CA VAL B 149 -16.74 -13.65 -30.94
C VAL B 149 -15.46 -14.49 -31.07
N CYS B 150 -14.48 -13.97 -31.80
CA CYS B 150 -13.19 -14.62 -31.97
C CYS B 150 -12.44 -14.64 -30.65
N LEU B 151 -12.46 -13.51 -29.95
CA LEU B 151 -11.79 -13.39 -28.66
C LEU B 151 -12.40 -14.32 -27.64
N LYS B 152 -13.73 -14.43 -27.67
CA LYS B 152 -14.45 -15.24 -26.71
C LYS B 152 -14.13 -16.74 -26.85
N SER B 153 -14.04 -17.20 -28.10
CA SER B 153 -13.57 -18.56 -28.46
C SER B 153 -12.14 -18.85 -28.03
N ILE B 154 -11.26 -17.87 -28.26
CA ILE B 154 -9.87 -17.92 -27.82
C ILE B 154 -9.78 -18.18 -26.34
N ILE B 155 -10.49 -17.36 -25.54
CA ILE B 155 -10.61 -17.57 -24.09
C ILE B 155 -11.03 -19.01 -23.70
N LEU B 156 -12.02 -19.55 -24.41
CA LEU B 156 -12.53 -20.88 -24.12
C LEU B 156 -11.42 -21.92 -24.31
N LEU B 157 -10.75 -21.87 -25.47
CA LEU B 157 -9.77 -22.88 -25.83
C LEU B 157 -8.43 -22.66 -25.13
N ASN B 158 -8.09 -21.40 -24.84
CA ASN B 158 -6.78 -21.06 -24.28
C ASN B 158 -6.65 -21.19 -22.77
N SER B 159 -7.73 -20.89 -22.04
CA SER B 159 -7.61 -20.68 -20.59
C SER B 159 -7.25 -21.96 -19.85
N GLY B 160 -7.70 -23.09 -20.40
CA GLY B 160 -7.59 -24.39 -19.75
C GLY B 160 -6.48 -25.24 -20.30
N VAL B 161 -6.04 -24.93 -21.52
CA VAL B 161 -5.14 -25.82 -22.29
C VAL B 161 -3.84 -26.16 -21.56
N TYR B 162 -3.32 -25.20 -20.78
CA TYR B 162 -2.04 -25.37 -20.07
C TYR B 162 -2.11 -26.13 -18.76
N THR B 163 -3.28 -26.68 -18.42
CA THR B 163 -3.47 -27.38 -17.14
C THR B 163 -4.21 -28.72 -17.18
N PHE B 164 -4.27 -29.36 -18.35
CA PHE B 164 -4.66 -30.77 -18.46
C PHE B 164 -3.42 -31.56 -17.96
N LEU B 165 -3.63 -32.68 -17.26
CA LEU B 165 -2.49 -33.56 -16.88
C LEU B 165 -1.94 -34.32 -18.10
N SER B 166 -0.67 -34.03 -18.41
CA SER B 166 -0.13 -34.05 -19.78
C SER B 166 0.66 -35.31 -20.18
N SER B 167 0.33 -36.46 -19.58
CA SER B 167 0.98 -37.74 -19.90
C SER B 167 0.38 -38.42 -21.15
N THR B 168 -0.74 -39.14 -20.98
CA THR B 168 -1.38 -39.92 -22.06
C THR B 168 -1.29 -39.22 -23.43
N LEU B 169 -0.79 -39.95 -24.43
CA LEU B 169 -0.63 -39.49 -25.83
C LEU B 169 -1.87 -38.75 -26.33
N LYS B 170 -3.03 -39.32 -26.01
CA LYS B 170 -4.31 -38.70 -26.24
C LYS B 170 -4.28 -37.26 -25.78
N SER B 171 -4.01 -37.06 -24.49
CA SER B 171 -3.94 -35.75 -23.86
C SER B 171 -2.97 -34.83 -24.60
N LEU B 172 -1.90 -35.44 -25.17
CA LEU B 172 -0.93 -34.70 -25.98
C LEU B 172 -1.50 -34.24 -27.32
N GLU B 173 -2.25 -35.13 -27.98
CA GLU B 173 -2.87 -34.81 -29.26
C GLU B 173 -4.00 -33.79 -29.13
N GLU B 174 -4.67 -33.76 -27.97
CA GLU B 174 -5.72 -32.76 -27.67
C GLU B 174 -5.16 -31.34 -27.65
N LYS B 175 -4.00 -31.15 -27.01
CA LYS B 175 -3.32 -29.85 -26.96
C LYS B 175 -2.91 -29.31 -28.35
N ASP B 176 -2.38 -30.18 -29.21
CA ASP B 176 -1.98 -29.83 -30.57
C ASP B 176 -3.17 -29.35 -31.36
N HIS B 177 -4.30 -30.07 -31.22
CA HIS B 177 -5.55 -29.76 -31.91
C HIS B 177 -6.06 -28.39 -31.51
N ILE B 178 -6.01 -28.11 -30.19
CA ILE B 178 -6.38 -26.83 -29.62
C ILE B 178 -5.47 -25.71 -30.12
N HIS B 179 -4.17 -26.00 -30.21
CA HIS B 179 -3.21 -25.02 -30.67
C HIS B 179 -3.46 -24.72 -32.13
N ARG B 180 -3.93 -25.71 -32.89
CA ARG B 180 -4.21 -25.56 -34.32
C ARG B 180 -5.46 -24.72 -34.55
N VAL B 181 -6.52 -24.99 -33.79
CA VAL B 181 -7.77 -24.23 -33.87
C VAL B 181 -7.47 -22.79 -33.53
N LEU B 182 -6.66 -22.56 -32.48
CA LEU B 182 -6.30 -21.20 -32.06
C LEU B 182 -5.55 -20.44 -33.15
N ASP B 183 -4.63 -21.12 -33.82
CA ASP B 183 -3.96 -20.56 -35.01
C ASP B 183 -4.97 -20.22 -36.12
N LYS B 184 -6.04 -21.01 -36.22
CA LYS B 184 -7.12 -20.70 -37.13
C LYS B 184 -7.86 -19.43 -36.73
N ILE B 185 -8.13 -19.27 -35.44
CA ILE B 185 -8.75 -18.05 -34.93
C ILE B 185 -7.85 -16.83 -35.13
N THR B 186 -6.54 -17.01 -34.95
CA THR B 186 -5.59 -15.93 -35.22
C THR B 186 -5.70 -15.48 -36.68
N ASP B 187 -5.61 -16.45 -37.59
CA ASP B 187 -5.76 -16.23 -39.03
C ASP B 187 -7.07 -15.52 -39.36
N THR B 188 -8.16 -16.01 -38.78
CA THR B 188 -9.48 -15.39 -38.88
C THR B 188 -9.40 -13.93 -38.46
N LEU B 189 -8.83 -13.66 -37.29
CA LEU B 189 -8.70 -12.28 -36.80
C LEU B 189 -7.91 -11.41 -37.78
N ILE B 190 -6.79 -11.92 -38.28
CA ILE B 190 -5.96 -11.18 -39.25
C ILE B 190 -6.74 -10.86 -40.52
N HIS B 191 -7.55 -11.83 -40.99
CA HIS B 191 -8.32 -11.68 -42.21
C HIS B 191 -9.37 -10.55 -42.12
N LEU B 192 -10.10 -10.53 -41.01
CA LEU B 192 -11.06 -9.46 -40.72
C LEU B 192 -10.40 -8.09 -40.80
N MET B 193 -9.22 -7.96 -40.19
CA MET B 193 -8.44 -6.72 -40.20
C MET B 193 -7.99 -6.31 -41.59
N ALA B 194 -7.52 -7.29 -42.37
CA ALA B 194 -7.09 -7.08 -43.76
C ALA B 194 -8.27 -6.60 -44.60
N LYS B 195 -9.38 -7.35 -44.54
CA LYS B 195 -10.63 -7.02 -45.20
C LYS B 195 -11.15 -5.62 -44.81
N ALA B 196 -10.98 -5.25 -43.53
CA ALA B 196 -11.34 -3.93 -43.03
C ALA B 196 -10.37 -2.81 -43.45
N GLY B 197 -9.29 -3.16 -44.17
CA GLY B 197 -8.41 -2.20 -44.79
C GLY B 197 -7.14 -1.84 -44.04
N LEU B 198 -6.90 -2.51 -42.90
CA LEU B 198 -5.73 -2.23 -42.05
C LEU B 198 -4.48 -2.73 -42.74
N THR B 199 -3.41 -1.94 -42.68
CA THR B 199 -2.08 -2.36 -43.12
C THR B 199 -1.57 -3.52 -42.29
N LEU B 200 -0.52 -4.17 -42.80
CA LEU B 200 0.15 -5.28 -42.12
C LEU B 200 0.64 -4.92 -40.74
N GLN B 201 1.32 -3.78 -40.64
CA GLN B 201 1.81 -3.25 -39.38
C GLN B 201 0.65 -3.03 -38.42
N GLN B 202 -0.43 -2.43 -38.92
CA GLN B 202 -1.65 -2.23 -38.14
C GLN B 202 -2.30 -3.54 -37.73
N GLN B 203 -2.37 -4.49 -38.65
CA GLN B 203 -2.91 -5.82 -38.37
C GLN B 203 -2.18 -6.51 -37.22
N HIS B 204 -0.84 -6.58 -37.28
CA HIS B 204 -0.11 -7.28 -36.24
C HIS B 204 -0.23 -6.53 -34.91
N GLN B 205 -0.31 -5.21 -34.97
CA GLN B 205 -0.46 -4.39 -33.76
C GLN B 205 -1.78 -4.58 -33.09
N ARG B 206 -2.85 -4.62 -33.86
CA ARG B 206 -4.18 -4.76 -33.30
C ARG B 206 -4.38 -6.15 -32.74
N LEU B 207 -3.87 -7.16 -33.45
CA LEU B 207 -3.89 -8.54 -32.97
C LEU B 207 -3.23 -8.65 -31.59
N ALA B 208 -2.03 -8.06 -31.44
CA ALA B 208 -1.33 -7.99 -30.17
C ALA B 208 -2.12 -7.31 -29.07
N GLN B 209 -2.72 -6.15 -29.38
CA GLN B 209 -3.48 -5.38 -28.42
C GLN B 209 -4.66 -6.19 -27.91
N LEU B 210 -5.32 -6.93 -28.81
CA LEU B 210 -6.48 -7.72 -28.48
C LEU B 210 -6.11 -8.86 -27.54
N LEU B 211 -5.03 -9.57 -27.87
CA LEU B 211 -4.63 -10.72 -27.13
C LEU B 211 -4.10 -10.31 -25.79
N LEU B 212 -3.41 -9.18 -25.73
CA LEU B 212 -2.91 -8.66 -24.47
C LEU B 212 -4.01 -8.32 -23.46
N ILE B 213 -5.17 -7.89 -23.94
CA ILE B 213 -6.34 -7.65 -23.10
C ILE B 213 -6.91 -8.92 -22.44
N LEU B 214 -6.77 -10.06 -23.12
CA LEU B 214 -7.13 -11.37 -22.55
C LEU B 214 -6.39 -11.65 -21.26
N SER B 215 -5.17 -11.15 -21.13
CA SER B 215 -4.40 -11.32 -19.92
C SER B 215 -5.01 -10.54 -18.75
N HIS B 216 -5.55 -9.36 -19.04
CA HIS B 216 -6.29 -8.61 -18.04
C HIS B 216 -7.63 -9.29 -17.65
N ILE B 217 -8.28 -9.91 -18.63
CA ILE B 217 -9.51 -10.67 -18.41
C ILE B 217 -9.23 -11.86 -17.48
N ARG B 218 -8.09 -12.53 -17.67
CA ARG B 218 -7.65 -13.63 -16.83
C ARG B 218 -7.46 -13.15 -15.41
N HIS B 219 -6.85 -11.99 -15.27
CA HIS B 219 -6.57 -11.41 -13.96
C HIS B 219 -7.84 -11.05 -13.23
N MET B 220 -8.77 -10.38 -13.91
CA MET B 220 -10.06 -10.05 -13.34
C MET B 220 -10.78 -11.29 -12.83
N SER B 221 -10.68 -12.36 -13.62
CA SER B 221 -11.35 -13.61 -13.30
C SER B 221 -10.77 -14.20 -12.03
N ASN B 222 -9.42 -14.19 -11.92
CA ASN B 222 -8.71 -14.77 -10.79
C ASN B 222 -8.99 -13.97 -9.52
N LYS B 223 -8.93 -12.63 -9.64
CA LYS B 223 -9.24 -11.74 -8.53
C LYS B 223 -10.65 -11.99 -8.02
N GLY B 224 -11.61 -12.17 -8.94
CA GLY B 224 -13.00 -12.46 -8.61
C GLY B 224 -13.16 -13.70 -7.75
N MET B 225 -12.51 -14.76 -8.17
CA MET B 225 -12.50 -16.00 -7.46
C MET B 225 -11.88 -15.83 -6.08
N GLU B 226 -10.81 -15.07 -6.01
CA GLU B 226 -10.14 -14.83 -4.76
C GLU B 226 -11.01 -14.08 -3.79
N HIS B 227 -11.74 -13.10 -4.25
CA HIS B 227 -12.70 -12.39 -3.44
C HIS B 227 -13.79 -13.27 -2.94
N LEU B 228 -14.23 -14.18 -3.80
CA LEU B 228 -15.34 -15.04 -3.51
C LEU B 228 -15.04 -15.95 -2.34
N SER C 8 1.42 20.22 48.64
CA SER C 8 2.30 19.23 47.93
C SER C 8 3.79 19.55 48.14
N LEU C 9 4.47 18.65 48.85
CA LEU C 9 5.92 18.67 48.99
C LEU C 9 6.62 18.60 47.61
N ALA C 10 5.92 17.99 46.65
CA ALA C 10 6.43 17.81 45.27
C ALA C 10 6.59 19.10 44.46
N LEU C 11 5.68 20.07 44.66
CA LEU C 11 5.72 21.35 43.92
C LEU C 11 6.79 22.31 44.42
N SER C 12 7.36 22.01 45.59
CA SER C 12 8.40 22.81 46.24
C SER C 12 9.84 22.34 45.99
N LEU C 13 10.02 21.34 45.12
CA LEU C 13 11.33 20.74 44.90
C LEU C 13 12.14 21.58 43.94
N THR C 14 13.45 21.72 44.21
CA THR C 14 14.38 22.30 43.24
C THR C 14 14.62 21.26 42.14
N ALA C 15 15.23 21.72 41.04
CA ALA C 15 15.57 20.86 39.91
C ALA C 15 16.52 19.75 40.34
N ASP C 16 17.55 20.12 41.11
CA ASP C 16 18.51 19.15 41.63
C ASP C 16 17.86 18.11 42.58
N GLN C 17 16.92 18.53 43.41
CA GLN C 17 16.11 17.62 44.24
C GLN C 17 15.21 16.68 43.43
N MET C 18 14.61 17.21 42.36
CA MET C 18 13.74 16.42 41.50
C MET C 18 14.53 15.27 40.86
N VAL C 19 15.71 15.60 40.33
CA VAL C 19 16.59 14.62 39.69
C VAL C 19 17.04 13.51 40.69
N SER C 20 17.60 13.94 41.84
CA SER C 20 18.02 13.02 42.89
C SER C 20 16.92 12.05 43.30
N ALA C 21 15.70 12.57 43.49
CA ALA C 21 14.56 11.76 43.86
C ALA C 21 14.22 10.72 42.78
N LEU C 22 14.30 11.17 41.52
CA LEU C 22 14.06 10.29 40.38
C LEU C 22 15.17 9.23 40.22
N LEU C 23 16.43 9.66 40.36
CA LEU C 23 17.57 8.75 40.38
C LEU C 23 17.46 7.70 41.48
N ASP C 24 17.17 8.12 42.72
CA ASP C 24 16.90 7.21 43.86
C ASP C 24 15.81 6.16 43.59
N ALA C 25 14.78 6.55 42.84
CA ALA C 25 13.58 5.74 42.65
C ALA C 25 13.74 4.70 41.56
N GLU C 26 14.83 4.82 40.78
CA GLU C 26 15.07 3.97 39.61
C GLU C 26 15.02 2.48 39.93
N PRO C 27 14.23 1.67 39.19
CA PRO C 27 14.26 0.23 39.38
C PRO C 27 15.61 -0.38 39.03
N PRO C 28 15.94 -1.60 39.51
CA PRO C 28 17.15 -2.27 39.06
C PRO C 28 16.98 -2.85 37.66
N ILE C 29 18.08 -3.13 36.95
CA ILE C 29 18.03 -3.93 35.73
C ILE C 29 17.81 -5.39 36.12
N TYR C 31 17.22 -9.44 34.87
CA TYR C 31 17.72 -10.60 34.15
C TYR C 31 16.55 -11.44 33.67
N SER C 32 16.66 -11.94 32.42
CA SER C 32 15.59 -12.70 31.79
C SER C 32 15.27 -14.00 32.57
N SER C 44 7.22 -18.72 23.12
CA SER C 44 8.45 -18.99 23.90
C SER C 44 9.30 -17.75 24.07
N MET C 45 9.48 -16.97 23.00
CA MET C 45 10.02 -15.63 23.13
C MET C 45 9.02 -14.77 23.90
N MET C 46 7.73 -14.89 23.55
CA MET C 46 6.67 -14.22 24.29
C MET C 46 6.69 -14.62 25.77
N GLY C 47 7.03 -15.87 26.06
CA GLY C 47 7.21 -16.38 27.41
C GLY C 47 8.29 -15.63 28.18
N LEU C 48 9.47 -15.53 27.56
CA LEU C 48 10.60 -14.84 28.16
C LEU C 48 10.28 -13.38 28.48
N LEU C 49 9.69 -12.68 27.49
CA LEU C 49 9.37 -11.26 27.61
C LEU C 49 8.29 -11.03 28.64
N THR C 50 7.28 -11.90 28.64
CA THR C 50 6.19 -11.83 29.60
C THR C 50 6.69 -12.00 31.02
N ASN C 51 7.56 -12.98 31.24
CA ASN C 51 8.17 -13.24 32.53
C ASN C 51 8.91 -12.02 33.03
N LEU C 52 9.74 -11.45 32.14
CA LEU C 52 10.51 -10.26 32.45
C LEU C 52 9.64 -9.06 32.78
N ALA C 53 8.70 -8.78 31.88
CA ALA C 53 7.85 -7.62 31.96
C ALA C 53 7.05 -7.67 33.24
N ASP C 54 6.50 -8.86 33.55
CA ASP C 54 5.76 -9.13 34.79
C ASP C 54 6.56 -8.73 36.05
N ARG C 55 7.83 -9.16 36.10
CA ARG C 55 8.71 -8.80 37.20
C ARG C 55 9.03 -7.29 37.20
N GLU C 56 9.20 -6.71 36.01
CA GLU C 56 9.42 -5.27 35.88
C GLU C 56 8.25 -4.44 36.38
N LEU C 57 7.03 -4.91 36.11
CA LEU C 57 5.83 -4.17 36.46
C LEU C 57 5.70 -3.93 37.97
N VAL C 58 6.13 -4.91 38.76
CA VAL C 58 6.08 -4.82 40.23
C VAL C 58 6.97 -3.68 40.70
N HIS C 59 8.18 -3.59 40.11
CA HIS C 59 9.10 -2.48 40.34
C HIS C 59 8.51 -1.15 39.89
N MET C 60 7.81 -1.15 38.74
CA MET C 60 7.20 0.05 38.21
C MET C 60 6.13 0.67 39.14
N ILE C 61 5.20 -0.18 39.64
CA ILE C 61 4.20 0.21 40.63
C ILE C 61 4.90 0.96 41.78
N ASN C 62 5.92 0.29 42.35
CA ASN C 62 6.64 0.85 43.47
C ASN C 62 7.42 2.09 43.10
N TRP C 63 8.00 2.12 41.90
CA TRP C 63 8.67 3.32 41.40
C TRP C 63 7.72 4.51 41.22
N ALA C 64 6.50 4.26 40.69
CA ALA C 64 5.49 5.31 40.46
C ALA C 64 5.09 6.02 41.75
N LYS C 65 4.94 5.24 42.83
CA LYS C 65 4.65 5.78 44.17
C LYS C 65 5.68 6.79 44.64
N ARG C 66 6.88 6.74 44.06
CA ARG C 66 7.99 7.60 44.43
C ARG C 66 8.19 8.80 43.48
N VAL C 67 7.51 8.79 42.33
CA VAL C 67 7.47 9.94 41.44
C VAL C 67 6.75 11.08 42.15
N PRO C 68 7.43 12.21 42.42
CA PRO C 68 6.77 13.36 43.06
C PRO C 68 5.46 13.78 42.40
N GLY C 69 4.41 13.86 43.22
CA GLY C 69 3.08 14.23 42.81
C GLY C 69 2.12 13.06 42.66
N PHE C 70 2.68 11.88 42.37
CA PHE C 70 1.89 10.72 42.05
C PHE C 70 0.99 10.27 43.18
N VAL C 71 1.55 10.15 44.38
CA VAL C 71 0.79 9.69 45.54
C VAL C 71 -0.24 10.70 46.02
N ASP C 72 -0.05 11.98 45.65
CA ASP C 72 -1.03 13.05 45.93
C ASP C 72 -2.37 12.82 45.21
N LEU C 73 -2.38 11.97 44.18
CA LEU C 73 -3.59 11.61 43.46
C LEU C 73 -4.36 10.50 44.16
N THR C 74 -5.66 10.42 43.87
CA THR C 74 -6.50 9.30 44.31
C THR C 74 -6.07 8.01 43.62
N SER C 75 -6.46 6.87 44.20
CA SER C 75 -6.14 5.55 43.66
C SER C 75 -6.70 5.31 42.26
N HIS C 76 -7.91 5.83 42.00
CA HIS C 76 -8.53 5.72 40.69
C HIS C 76 -7.58 6.34 39.68
N ASP C 77 -7.11 7.56 39.97
CA ASP C 77 -6.25 8.32 39.08
C ASP C 77 -4.86 7.72 38.92
N GLN C 78 -4.27 7.24 40.02
CA GLN C 78 -2.98 6.57 39.98
C GLN C 78 -3.06 5.34 39.05
N VAL C 79 -4.11 4.54 39.21
CA VAL C 79 -4.29 3.32 38.43
C VAL C 79 -4.53 3.62 36.95
N HIS C 80 -5.26 4.70 36.68
CA HIS C 80 -5.56 5.14 35.33
C HIS C 80 -4.29 5.54 34.59
N LEU C 81 -3.45 6.36 35.24
CA LEU C 81 -2.17 6.74 34.71
C LEU C 81 -1.28 5.55 34.40
N LEU C 82 -1.31 4.54 35.27
CA LEU C 82 -0.44 3.38 35.13
C LEU C 82 -0.93 2.49 34.01
N GLU C 83 -2.24 2.29 33.98
CA GLU C 83 -2.90 1.56 32.92
C GLU C 83 -2.55 2.19 31.57
N YCM C 84 -2.58 3.52 31.51
CA YCM C 84 -2.30 4.23 30.27
CB YCM C 84 -2.79 5.66 30.36
SG YCM C 84 -4.59 5.90 30.43
CD YCM C 84 -5.30 5.33 28.84
CE YCM C 84 -4.30 5.31 27.72
OZ1 YCM C 84 -4.08 4.26 27.14
NZ2 YCM C 84 -3.71 6.46 27.45
C YCM C 84 -0.81 4.21 29.92
O YCM C 84 -0.48 4.25 28.74
N ALA C 85 0.09 4.13 30.91
CA ALA C 85 1.51 4.37 30.68
C ALA C 85 2.41 3.11 30.66
N TRP C 86 1.94 2.00 31.24
CA TRP C 86 2.83 0.91 31.62
C TRP C 86 3.70 0.39 30.46
N LEU C 87 3.13 0.33 29.24
CA LEU C 87 3.86 -0.26 28.14
C LEU C 87 4.91 0.72 27.60
N GLU C 88 4.54 2.01 27.50
CA GLU C 88 5.47 3.06 27.11
C GLU C 88 6.69 3.12 28.03
N ILE C 89 6.45 2.90 29.32
CA ILE C 89 7.50 2.93 30.34
C ILE C 89 8.42 1.71 30.22
N LEU C 90 7.83 0.53 30.00
CA LEU C 90 8.60 -0.66 29.69
C LEU C 90 9.44 -0.38 28.46
N MET C 91 8.80 0.15 27.43
CA MET C 91 9.48 0.48 26.17
C MET C 91 10.62 1.51 26.24
N ILE C 92 10.41 2.62 26.97
CA ILE C 92 11.47 3.59 27.08
C ILE C 92 12.65 3.07 27.90
N GLY C 93 12.36 2.25 28.91
CA GLY C 93 13.38 1.54 29.66
C GLY C 93 14.25 0.69 28.77
N LEU C 94 13.61 -0.08 27.90
CA LEU C 94 14.27 -0.97 26.96
C LEU C 94 15.16 -0.17 26.04
N VAL C 95 14.62 0.95 25.55
CA VAL C 95 15.34 1.80 24.60
C VAL C 95 16.61 2.35 25.26
N TRP C 96 16.48 2.80 26.51
CA TRP C 96 17.58 3.36 27.29
C TRP C 96 18.69 2.31 27.52
N ARG C 97 18.31 1.10 27.91
CA ARG C 97 19.25 0.00 28.10
C ARG C 97 19.98 -0.36 26.81
N SER C 98 19.31 -0.15 25.66
CA SER C 98 19.80 -0.63 24.37
C SER C 98 20.72 0.35 23.65
N MET C 99 20.85 1.56 24.23
CA MET C 99 21.50 2.68 23.57
C MET C 99 22.92 2.41 23.11
N GLU C 100 23.71 1.76 23.98
N GLU C 100 23.72 1.77 23.97
CA GLU C 100 25.09 1.41 23.69
CA GLU C 100 25.11 1.43 23.61
C GLU C 100 25.24 0.05 22.98
C GLU C 100 25.24 0.05 22.98
N HIS C 101 24.14 -0.42 22.35
CA HIS C 101 24.11 -1.67 21.60
C HIS C 101 23.40 -1.45 20.27
N PRO C 102 23.96 -0.63 19.35
CA PRO C 102 23.33 -0.37 18.05
C PRO C 102 22.93 -1.63 17.30
N GLY C 103 21.70 -1.65 16.77
CA GLY C 103 21.15 -2.78 16.05
C GLY C 103 20.56 -3.88 16.92
N LYS C 104 20.61 -3.71 18.25
CA LYS C 104 20.17 -4.72 19.19
C LYS C 104 19.37 -4.12 20.33
N LEU C 105 18.43 -4.93 20.85
CA LEU C 105 17.58 -4.56 21.96
C LEU C 105 18.02 -5.40 23.14
N LEU C 106 18.34 -4.70 24.24
CA LEU C 106 18.84 -5.31 25.46
C LEU C 106 17.67 -5.42 26.43
N PHE C 107 16.90 -6.51 26.27
CA PHE C 107 15.77 -6.80 27.13
C PHE C 107 16.27 -7.06 28.53
N ALA C 108 17.41 -7.75 28.60
CA ALA C 108 18.08 -8.04 29.84
C ALA C 108 19.55 -8.24 29.50
N PRO C 109 20.47 -8.12 30.48
CA PRO C 109 21.90 -8.33 30.22
C PRO C 109 22.18 -9.71 29.63
N ASN C 110 21.33 -10.68 29.97
CA ASN C 110 21.40 -12.03 29.46
C ASN C 110 20.40 -12.33 28.34
N LEU C 111 19.86 -11.27 27.70
CA LEU C 111 18.87 -11.38 26.64
C LEU C 111 18.91 -10.17 25.72
N LEU C 112 19.90 -10.19 24.83
CA LEU C 112 20.22 -9.13 23.88
C LEU C 112 19.75 -9.63 22.51
N LEU C 113 18.79 -8.94 21.89
CA LEU C 113 18.14 -9.43 20.66
C LEU C 113 18.30 -8.47 19.48
N ASP C 114 18.58 -9.04 18.31
CA ASP C 114 18.61 -8.31 17.05
C ASP C 114 17.22 -8.29 16.41
N ARG C 115 17.09 -7.44 15.40
CA ARG C 115 15.87 -7.23 14.62
C ARG C 115 15.16 -8.53 14.21
N ASN C 116 15.94 -9.45 13.62
CA ASN C 116 15.43 -10.71 13.05
C ASN C 116 14.73 -11.60 14.04
N GLN C 117 15.04 -11.46 15.33
CA GLN C 117 14.40 -12.24 16.38
C GLN C 117 13.06 -11.62 16.74
N GLY C 118 12.01 -12.46 16.77
CA GLY C 118 10.63 -12.00 16.86
C GLY C 118 10.18 -11.41 15.54
N VAL C 125 8.41 -7.59 14.89
CA VAL C 125 9.54 -7.07 14.13
C VAL C 125 9.34 -5.61 13.74
N GLU C 126 8.08 -5.23 13.47
CA GLU C 126 7.71 -3.85 13.21
C GLU C 126 7.99 -2.98 14.45
N ILE C 127 7.51 -3.47 15.59
CA ILE C 127 7.68 -2.77 16.85
C ILE C 127 9.16 -2.71 17.24
N PHE C 128 9.90 -3.77 16.93
CA PHE C 128 11.34 -3.86 17.16
C PHE C 128 12.11 -2.82 16.38
N ASP C 129 11.79 -2.68 15.10
CA ASP C 129 12.40 -1.66 14.26
C ASP C 129 12.17 -0.28 14.82
N MET C 130 10.93 -0.03 15.27
CA MET C 130 10.57 1.23 15.91
C MET C 130 11.38 1.43 17.18
N LEU C 131 11.52 0.37 17.98
CA LEU C 131 12.27 0.45 19.23
C LEU C 131 13.70 0.81 18.95
N LEU C 132 14.29 0.15 17.97
CA LEU C 132 15.66 0.44 17.53
C LEU C 132 15.87 1.85 17.02
N ALA C 133 14.87 2.40 16.30
CA ALA C 133 14.92 3.75 15.75
C ALA C 133 14.98 4.73 16.89
N THR C 134 14.17 4.48 17.92
CA THR C 134 14.11 5.36 19.08
C THR C 134 15.46 5.35 19.83
N SER C 135 16.06 4.17 19.90
CA SER C 135 17.35 3.95 20.56
C SER C 135 18.46 4.76 19.88
N SER C 136 18.50 4.74 18.53
CA SER C 136 19.52 5.49 17.80
C SER C 136 19.32 6.97 17.98
N ARG C 137 18.05 7.40 17.98
CA ARG C 137 17.74 8.81 18.17
C ARG C 137 18.29 9.30 19.50
N PHE C 138 18.01 8.57 20.57
CA PHE C 138 18.57 8.83 21.90
C PHE C 138 20.10 8.86 21.81
N ARG C 139 20.67 7.90 21.08
CA ARG C 139 22.10 7.74 20.96
C ARG C 139 22.70 8.96 20.25
N MET C 140 22.04 9.39 19.17
CA MET C 140 22.46 10.56 18.42
C MET C 140 22.35 11.84 19.22
N MET C 141 21.35 11.91 20.10
CA MET C 141 21.15 13.05 20.99
C MET C 141 22.00 13.04 22.28
N ASN C 142 22.72 11.95 22.52
CA ASN C 142 23.50 11.78 23.75
C ASN C 142 22.61 11.97 24.96
N LEU C 143 21.46 11.30 24.96
CA LEU C 143 20.56 11.34 26.08
C LEU C 143 21.30 10.91 27.34
N GLN C 144 21.17 11.70 28.42
CA GLN C 144 21.74 11.43 29.73
C GLN C 144 20.72 10.77 30.68
N GLY C 145 21.24 10.06 31.69
CA GLY C 145 20.43 9.34 32.62
C GLY C 145 19.48 10.27 33.41
N GLU C 146 19.98 11.47 33.73
CA GLU C 146 19.19 12.49 34.42
C GLU C 146 17.99 12.95 33.56
N GLU C 147 18.18 13.05 32.25
CA GLU C 147 17.13 13.36 31.29
C GLU C 147 16.12 12.21 31.19
N PHE C 148 16.68 10.99 31.08
CA PHE C 148 15.90 9.77 30.95
C PHE C 148 14.83 9.60 32.03
N VAL C 149 15.23 9.79 33.30
CA VAL C 149 14.31 9.61 34.41
C VAL C 149 13.19 10.65 34.37
N CYS C 150 13.52 11.84 33.89
CA CYS C 150 12.57 12.95 33.74
C CYS C 150 11.55 12.60 32.68
N LEU C 151 12.02 12.06 31.56
CA LEU C 151 11.15 11.67 30.47
C LEU C 151 10.19 10.58 30.87
N LYS C 152 10.70 9.63 31.65
CA LYS C 152 9.93 8.48 32.08
C LYS C 152 8.76 8.88 33.00
N SER C 153 9.02 9.82 33.93
CA SER C 153 8.02 10.45 34.78
C SER C 153 6.96 11.23 34.02
N ILE C 154 7.41 11.99 33.02
CA ILE C 154 6.54 12.72 32.10
C ILE C 154 5.52 11.79 31.46
N ILE C 155 6.02 10.70 30.86
CA ILE C 155 5.15 9.62 30.33
C ILE C 155 4.09 9.13 31.32
N LEU C 156 4.50 8.91 32.57
CA LEU C 156 3.60 8.41 33.60
C LEU C 156 2.45 9.41 33.84
N LEU C 157 2.81 10.68 34.05
CA LEU C 157 1.83 11.71 34.42
C LEU C 157 1.05 12.23 33.21
N ASN C 158 1.66 12.18 32.01
CA ASN C 158 1.04 12.76 30.81
C ASN C 158 0.10 11.83 30.05
N SER C 159 0.40 10.53 30.05
CA SER C 159 -0.27 9.62 29.12
C SER C 159 -1.73 9.44 29.45
N GLY C 160 -2.06 9.54 30.73
CA GLY C 160 -3.40 9.26 31.21
C GLY C 160 -4.22 10.50 31.49
N VAL C 161 -3.54 11.64 31.69
CA VAL C 161 -4.18 12.86 32.19
C VAL C 161 -5.38 13.33 31.37
N TYR C 162 -5.32 13.13 30.05
CA TYR C 162 -6.36 13.60 29.12
C TYR C 162 -7.58 12.69 29.01
N THR C 163 -7.66 11.62 29.83
CA THR C 163 -8.75 10.65 29.73
C THR C 163 -9.38 10.18 31.05
N PHE C 164 -9.22 10.96 32.13
CA PHE C 164 -9.83 10.61 33.42
C PHE C 164 -11.35 10.53 33.32
N LYS C 170 -13.05 17.68 42.15
CA LYS C 170 -11.95 16.83 42.58
C LYS C 170 -11.11 16.41 41.38
N SER C 171 -11.73 15.70 40.44
CA SER C 171 -11.07 15.22 39.23
C SER C 171 -10.46 16.41 38.46
N LEU C 172 -11.10 17.59 38.56
CA LEU C 172 -10.59 18.81 37.97
C LEU C 172 -9.32 19.33 38.66
N GLU C 173 -9.29 19.28 39.99
CA GLU C 173 -8.14 19.70 40.79
C GLU C 173 -6.94 18.76 40.58
N GLU C 174 -7.21 17.48 40.33
CA GLU C 174 -6.18 16.47 40.04
C GLU C 174 -5.40 16.81 38.76
N LYS C 175 -6.12 17.19 37.69
CA LYS C 175 -5.50 17.60 36.42
C LYS C 175 -4.56 18.82 36.53
N ASP C 176 -4.97 19.83 37.30
CA ASP C 176 -4.16 21.03 37.51
C ASP C 176 -2.87 20.69 38.22
N HIS C 177 -2.98 19.81 39.23
CA HIS C 177 -1.83 19.34 40.01
C HIS C 177 -0.84 18.61 39.12
N ILE C 178 -1.35 17.75 38.24
CA ILE C 178 -0.57 17.04 37.25
C ILE C 178 0.12 17.98 36.27
N HIS C 179 -0.62 19.00 35.85
CA HIS C 179 -0.07 19.98 34.92
C HIS C 179 1.06 20.76 35.59
N ARG C 180 0.92 20.97 36.90
CA ARG C 180 1.91 21.70 37.68
C ARG C 180 3.19 20.90 37.88
N VAL C 181 3.04 19.63 38.22
CA VAL C 181 4.19 18.72 38.39
C VAL C 181 4.95 18.64 37.09
N LEU C 182 4.22 18.53 35.97
CA LEU C 182 4.83 18.43 34.64
C LEU C 182 5.63 19.68 34.30
N ASP C 183 5.10 20.86 34.64
CA ASP C 183 5.85 22.11 34.54
C ASP C 183 7.12 22.09 35.41
N LYS C 184 7.05 21.40 36.54
CA LYS C 184 8.23 21.23 37.38
C LYS C 184 9.27 20.35 36.68
N ILE C 185 8.82 19.28 36.04
CA ILE C 185 9.71 18.41 35.27
C ILE C 185 10.33 19.16 34.07
N THR C 186 9.54 20.02 33.43
CA THR C 186 10.04 20.87 32.36
C THR C 186 11.19 21.72 32.85
N ASP C 187 10.93 22.45 33.95
CA ASP C 187 11.92 23.29 34.61
C ASP C 187 13.18 22.52 34.96
N THR C 188 12.99 21.34 35.55
CA THR C 188 14.08 20.41 35.86
C THR C 188 14.89 20.12 34.60
N LEU C 189 14.21 19.74 33.52
CA LEU C 189 14.89 19.42 32.26
C LEU C 189 15.70 20.61 31.77
N ILE C 190 15.11 21.81 31.79
CA ILE C 190 15.80 23.03 31.35
C ILE C 190 17.06 23.31 32.19
N HIS C 191 16.95 23.08 33.51
CA HIS C 191 18.04 23.33 34.43
C HIS C 191 19.25 22.42 34.15
N LEU C 192 19.00 21.13 33.94
CA LEU C 192 20.05 20.18 33.56
C LEU C 192 20.80 20.64 32.31
N MET C 193 20.06 21.10 31.31
CA MET C 193 20.62 21.64 30.05
C MET C 193 21.46 22.89 30.27
N ALA C 194 20.96 23.80 31.11
CA ALA C 194 21.66 25.04 31.45
C ALA C 194 22.97 24.72 32.17
N LYS C 195 22.87 23.89 33.22
CA LYS C 195 24.02 23.38 33.97
C LYS C 195 25.03 22.66 33.08
N ALA C 196 24.55 21.93 32.07
CA ALA C 196 25.42 21.27 31.09
C ALA C 196 26.04 22.23 30.06
N GLY C 197 25.69 23.51 30.13
CA GLY C 197 26.34 24.57 29.35
C GLY C 197 25.64 24.99 28.07
N LEU C 198 24.45 24.43 27.81
CA LEU C 198 23.70 24.69 26.58
C LEU C 198 23.15 26.10 26.63
N THR C 199 23.23 26.81 25.49
CA THR C 199 22.58 28.11 25.31
C THR C 199 21.06 27.95 25.41
N LEU C 200 20.38 29.09 25.55
CA LEU C 200 18.91 29.17 25.61
C LEU C 200 18.25 28.55 24.37
N GLN C 201 18.74 28.93 23.19
CA GLN C 201 18.27 28.39 21.94
C GLN C 201 18.44 26.88 21.91
N GLN C 202 19.61 26.40 22.35
CA GLN C 202 19.89 24.99 22.44
C GLN C 202 19.01 24.28 23.46
N GLN C 203 18.80 24.92 24.61
CA GLN C 203 17.91 24.41 25.64
C GLN C 203 16.49 24.18 25.13
N HIS C 204 15.90 25.20 24.50
CA HIS C 204 14.51 25.10 24.04
C HIS C 204 14.43 24.02 22.92
N GLN C 205 15.47 23.93 22.09
CA GLN C 205 15.50 22.96 21.01
C GLN C 205 15.57 21.55 21.48
N ARG C 206 16.42 21.30 22.47
CA ARG C 206 16.61 19.94 22.97
C ARG C 206 15.38 19.49 23.73
N LEU C 207 14.79 20.40 24.51
CA LEU C 207 13.53 20.14 25.20
C LEU C 207 12.45 19.67 24.23
N ALA C 208 12.27 20.41 23.13
CA ALA C 208 11.35 20.04 22.05
C ALA C 208 11.64 18.68 21.43
N GLN C 209 12.91 18.40 21.13
CA GLN C 209 13.30 17.13 20.50
C GLN C 209 12.96 15.95 21.42
N LEU C 210 13.19 16.14 22.73
CA LEU C 210 12.92 15.09 23.72
C LEU C 210 11.44 14.79 23.83
N LEU C 211 10.63 15.85 23.89
CA LEU C 211 9.21 15.71 24.09
C LEU C 211 8.58 15.17 22.84
N LEU C 212 9.09 15.58 21.68
CA LEU C 212 8.58 15.04 20.41
C LEU C 212 8.77 13.52 20.26
N ILE C 213 9.83 12.97 20.85
CA ILE C 213 10.09 11.53 20.86
C ILE C 213 9.04 10.74 21.68
N LEU C 214 8.49 11.37 22.72
CA LEU C 214 7.41 10.80 23.51
C LEU C 214 6.22 10.44 22.67
N SER C 215 5.96 11.24 21.62
CA SER C 215 4.87 10.98 20.72
C SER C 215 5.09 9.67 19.93
N HIS C 216 6.34 9.42 19.55
CA HIS C 216 6.67 8.17 18.90
C HIS C 216 6.55 6.96 19.84
N ILE C 217 6.93 7.17 21.10
CA ILE C 217 6.77 6.15 22.16
C ILE C 217 5.30 5.79 22.36
N ARG C 218 4.42 6.81 22.33
CA ARG C 218 2.98 6.61 22.42
C ARG C 218 2.48 5.77 21.29
N HIS C 219 3.00 6.06 20.10
CA HIS C 219 2.58 5.35 18.90
C HIS C 219 3.02 3.89 18.93
N MET C 220 4.28 3.65 19.29
CA MET C 220 4.79 2.29 19.47
C MET C 220 3.93 1.49 20.45
N SER C 221 3.53 2.15 21.53
CA SER C 221 2.74 1.53 22.56
C SER C 221 1.37 1.10 22.01
N ASN C 222 0.73 2.00 21.25
CA ASN C 222 -0.59 1.76 20.67
C ASN C 222 -0.53 0.64 19.62
N LYS C 223 0.49 0.72 18.74
CA LYS C 223 0.74 -0.30 17.74
C LYS C 223 0.91 -1.68 18.40
N GLY C 224 1.67 -1.72 19.51
CA GLY C 224 1.91 -2.94 20.27
C GLY C 224 0.64 -3.60 20.76
N MET C 225 -0.20 -2.82 21.38
CA MET C 225 -1.50 -3.21 21.81
C MET C 225 -2.37 -3.70 20.67
N GLU C 226 -2.33 -3.01 19.55
CA GLU C 226 -3.08 -3.46 18.40
C GLU C 226 -2.61 -4.82 17.92
N HIS C 227 -1.31 -5.02 17.87
CA HIS C 227 -0.74 -6.27 17.44
C HIS C 227 -1.08 -7.44 18.31
N LEU C 228 -1.16 -7.19 19.60
CA LEU C 228 -1.58 -8.16 20.60
C LEU C 228 -3.00 -8.64 20.49
N LYS D 6 21.86 19.83 -0.21
CA LYS D 6 20.48 19.96 0.36
C LYS D 6 19.99 21.41 0.34
N ASN D 7 20.39 22.15 -0.72
CA ASN D 7 20.16 23.59 -0.85
C ASN D 7 18.70 24.00 -0.61
N SER D 8 18.38 24.41 0.64
CA SER D 8 17.01 24.63 1.11
C SER D 8 16.72 26.08 1.47
N LEU D 9 15.87 26.75 0.67
CA LEU D 9 15.35 28.08 0.99
C LEU D 9 14.58 28.06 2.32
N ALA D 10 14.05 26.89 2.68
CA ALA D 10 13.16 26.69 3.83
C ALA D 10 13.79 26.92 5.21
N LEU D 11 15.04 26.48 5.38
CA LEU D 11 15.74 26.58 6.67
C LEU D 11 16.27 27.99 6.97
N SER D 12 16.24 28.87 5.96
CA SER D 12 16.76 30.23 6.03
C SER D 12 15.69 31.31 6.29
N LEU D 13 14.46 30.90 6.60
CA LEU D 13 13.40 31.82 7.02
C LEU D 13 13.60 32.30 8.47
N THR D 14 13.32 33.56 8.73
CA THR D 14 13.15 34.06 10.12
C THR D 14 11.85 33.52 10.72
N ALA D 15 11.69 33.69 12.04
CA ALA D 15 10.50 33.22 12.77
C ALA D 15 9.24 33.88 12.23
N ASP D 16 9.30 35.20 12.03
CA ASP D 16 8.17 35.94 11.46
C ASP D 16 7.80 35.49 10.03
N GLN D 17 8.82 35.20 9.21
CA GLN D 17 8.62 34.63 7.88
C GLN D 17 8.06 33.21 7.90
N MET D 18 8.49 32.40 8.87
CA MET D 18 8.00 31.02 9.02
C MET D 18 6.50 31.03 9.32
N VAL D 19 6.08 31.90 10.25
CA VAL D 19 4.68 32.04 10.62
C VAL D 19 3.79 32.49 9.42
N SER D 20 4.19 33.58 8.76
CA SER D 20 3.50 34.09 7.58
C SER D 20 3.34 33.02 6.50
N ALA D 21 4.41 32.28 6.24
CA ALA D 21 4.38 31.20 5.24
C ALA D 21 3.40 30.09 5.65
N LEU D 22 3.37 29.76 6.94
CA LEU D 22 2.43 28.77 7.47
C LEU D 22 0.98 29.27 7.42
N LEU D 23 0.77 30.53 7.82
CA LEU D 23 -0.54 31.16 7.70
C LEU D 23 -1.04 31.19 6.25
N ASP D 24 -0.19 31.62 5.31
CA ASP D 24 -0.49 31.57 3.86
C ASP D 24 -0.89 30.20 3.32
N ALA D 25 -0.29 29.15 3.88
CA ALA D 25 -0.42 27.79 3.36
C ALA D 25 -1.66 27.09 3.86
N GLU D 26 -2.35 27.69 4.85
CA GLU D 26 -3.51 27.09 5.51
C GLU D 26 -4.59 26.65 4.53
N PRO D 27 -5.07 25.39 4.59
CA PRO D 27 -6.14 24.94 3.70
C PRO D 27 -7.46 25.67 3.96
N PRO D 28 -8.41 25.69 3.00
CA PRO D 28 -9.72 26.26 3.27
C PRO D 28 -10.57 25.36 4.17
N ILE D 29 -11.59 25.93 4.83
CA ILE D 29 -12.64 25.16 5.48
C ILE D 29 -13.58 24.62 4.40
N LEU D 30 -13.81 23.31 4.38
CA LEU D 30 -14.78 22.70 3.49
C LEU D 30 -16.15 22.49 4.13
N TYR D 31 -17.14 22.32 3.26
CA TYR D 31 -18.51 22.08 3.65
C TYR D 31 -18.83 20.59 3.54
N SER D 32 -19.64 20.10 4.48
CA SER D 32 -20.24 18.77 4.36
C SER D 32 -21.25 18.80 3.18
N GLU D 33 -21.56 17.64 2.59
CA GLU D 33 -22.53 17.63 1.51
C GLU D 33 -23.89 18.15 1.98
N TYR D 34 -24.57 18.85 1.06
CA TYR D 34 -25.82 19.57 1.32
C TYR D 34 -26.95 18.59 1.66
N ASP D 35 -27.92 19.03 2.49
CA ASP D 35 -29.09 18.24 2.96
C ASP D 35 -28.93 16.74 2.70
N PRO D 36 -28.08 16.04 3.48
CA PRO D 36 -28.23 14.60 3.63
C PRO D 36 -29.55 14.40 4.34
N THR D 37 -30.22 13.27 4.08
CA THR D 37 -31.32 12.83 4.92
C THR D 37 -30.79 12.87 6.35
N ARG D 38 -31.56 13.54 7.21
CA ARG D 38 -31.32 13.56 8.64
C ARG D 38 -32.59 13.05 9.29
N PRO D 39 -32.50 12.24 10.39
CA PRO D 39 -31.23 11.96 11.06
C PRO D 39 -30.34 10.97 10.30
N PHE D 40 -29.15 10.71 10.83
CA PHE D 40 -28.21 9.83 10.16
C PHE D 40 -28.35 8.42 10.68
N SER D 41 -28.13 7.45 9.77
CA SER D 41 -27.67 6.10 10.09
C SER D 41 -26.15 6.02 10.24
N GLU D 42 -25.69 5.00 10.97
CA GLU D 42 -24.27 4.68 11.10
C GLU D 42 -23.58 4.77 9.76
N ALA D 43 -24.16 4.12 8.75
CA ALA D 43 -23.61 4.06 7.39
C ALA D 43 -23.57 5.42 6.73
N SER D 44 -24.72 6.10 6.73
CA SER D 44 -24.83 7.44 6.19
C SER D 44 -23.85 8.42 6.82
N MET D 45 -23.65 8.34 8.14
CA MET D 45 -22.79 9.28 8.81
C MET D 45 -21.34 9.03 8.39
N MET D 46 -20.93 7.77 8.40
CA MET D 46 -19.60 7.39 7.90
C MET D 46 -19.41 7.86 6.47
N GLY D 47 -20.47 7.82 5.65
CA GLY D 47 -20.46 8.35 4.28
C GLY D 47 -20.14 9.83 4.23
N LEU D 48 -20.85 10.63 5.03
CA LEU D 48 -20.65 12.06 5.10
C LEU D 48 -19.23 12.42 5.48
N LEU D 49 -18.75 11.79 6.56
CA LEU D 49 -17.42 12.09 7.11
C LEU D 49 -16.32 11.69 6.13
N THR D 50 -16.51 10.51 5.51
CA THR D 50 -15.56 9.97 4.55
C THR D 50 -15.44 10.87 3.34
N ASN D 51 -16.60 11.33 2.83
CA ASN D 51 -16.68 12.26 1.71
C ASN D 51 -15.93 13.52 2.00
N LEU D 52 -16.19 14.10 3.18
CA LEU D 52 -15.54 15.32 3.62
C LEU D 52 -14.03 15.14 3.73
N ALA D 53 -13.61 14.10 4.47
CA ALA D 53 -12.21 13.86 4.78
C ALA D 53 -11.44 13.68 3.48
N ASP D 54 -12.00 12.87 2.58
CA ASP D 54 -11.45 12.63 1.24
C ASP D 54 -11.18 13.92 0.45
N ARG D 55 -12.16 14.83 0.46
CA ARG D 55 -11.99 16.14 -0.17
C ARG D 55 -10.97 17.01 0.57
N GLU D 56 -10.95 16.92 1.90
CA GLU D 56 -9.94 17.62 2.71
C GLU D 56 -8.52 17.17 2.41
N LEU D 57 -8.35 15.86 2.18
CA LEU D 57 -7.04 15.29 1.90
C LEU D 57 -6.31 15.92 0.71
N VAL D 58 -7.06 16.29 -0.33
CA VAL D 58 -6.51 16.92 -1.53
C VAL D 58 -5.90 18.28 -1.17
N HIS D 59 -6.62 19.03 -0.35
CA HIS D 59 -6.14 20.30 0.20
C HIS D 59 -4.94 20.12 1.12
N MET D 60 -4.95 19.04 1.92
CA MET D 60 -3.84 18.72 2.80
C MET D 60 -2.53 18.47 2.05
N ILE D 61 -2.58 17.62 1.01
CA ILE D 61 -1.46 17.39 0.09
C ILE D 61 -0.88 18.72 -0.35
N ASN D 62 -1.74 19.61 -0.87
CA ASN D 62 -1.38 20.97 -1.29
C ASN D 62 -0.70 21.75 -0.18
N TRP D 63 -1.31 21.70 1.00
CA TRP D 63 -0.73 22.38 2.16
C TRP D 63 0.66 21.82 2.57
N ALA D 64 0.80 20.49 2.56
CA ALA D 64 2.05 19.81 2.90
C ALA D 64 3.22 20.22 2.00
N LYS D 65 2.96 20.36 0.69
CA LYS D 65 3.94 20.86 -0.27
C LYS D 65 4.49 22.22 0.08
N ARG D 66 3.76 22.98 0.90
CA ARG D 66 4.12 24.32 1.30
C ARG D 66 4.75 24.39 2.70
N VAL D 67 4.65 23.30 3.47
CA VAL D 67 5.37 23.20 4.74
C VAL D 67 6.87 23.17 4.43
N PRO D 68 7.65 24.18 4.89
CA PRO D 68 9.09 24.23 4.67
C PRO D 68 9.85 22.93 4.90
N GLY D 69 10.56 22.47 3.88
CA GLY D 69 11.32 21.25 3.91
C GLY D 69 10.66 20.06 3.24
N PHE D 70 9.32 20.07 3.14
CA PHE D 70 8.57 18.88 2.72
C PHE D 70 8.89 18.44 1.31
N VAL D 71 8.89 19.39 0.37
CA VAL D 71 9.17 19.07 -1.04
C VAL D 71 10.60 18.61 -1.28
N ASP D 72 11.52 19.02 -0.39
CA ASP D 72 12.94 18.61 -0.43
C ASP D 72 13.11 17.10 -0.24
N LEU D 73 12.10 16.44 0.31
CA LEU D 73 12.09 14.99 0.52
C LEU D 73 11.71 14.24 -0.74
N THR D 74 12.14 12.97 -0.82
CA THR D 74 11.72 12.05 -1.86
C THR D 74 10.21 11.75 -1.72
N SER D 75 9.62 11.23 -2.79
CA SER D 75 8.21 10.84 -2.81
C SER D 75 7.86 9.76 -1.77
N HIS D 76 8.76 8.80 -1.58
CA HIS D 76 8.57 7.73 -0.61
C HIS D 76 8.38 8.39 0.74
N ASP D 77 9.29 9.29 1.10
CA ASP D 77 9.29 9.97 2.39
C ASP D 77 8.12 10.92 2.58
N GLN D 78 7.76 11.68 1.54
CA GLN D 78 6.58 12.54 1.59
C GLN D 78 5.34 11.72 1.88
N VAL D 79 5.17 10.62 1.15
CA VAL D 79 3.99 9.76 1.30
C VAL D 79 3.94 9.08 2.67
N HIS D 80 5.10 8.71 3.20
CA HIS D 80 5.22 8.07 4.50
C HIS D 80 4.78 9.00 5.59
N LEU D 81 5.29 10.24 5.57
CA LEU D 81 4.88 11.30 6.49
C LEU D 81 3.38 11.55 6.46
N LEU D 82 2.80 11.52 5.26
CA LEU D 82 1.39 11.83 5.09
C LEU D 82 0.53 10.69 5.58
N GLU D 83 0.95 9.49 5.22
CA GLU D 83 0.32 8.27 5.66
C GLU D 83 0.29 8.23 7.18
N YCM D 84 1.41 8.63 7.82
CA YCM D 84 1.50 8.58 9.27
CB YCM D 84 2.96 8.69 9.71
SG YCM D 84 4.01 7.28 9.31
CD YCM D 84 3.79 6.30 10.82
CE YCM D 84 2.40 5.74 10.96
OZ1 YCM D 84 1.72 6.01 11.94
NZ2 YCM D 84 2.00 4.93 10.00
C YCM D 84 0.67 9.70 9.91
O YCM D 84 0.18 9.52 11.02
N ALA D 85 0.54 10.85 9.23
CA ALA D 85 0.01 12.06 9.86
C ALA D 85 -1.43 12.45 9.52
N TRP D 86 -1.96 11.92 8.42
CA TRP D 86 -3.19 12.49 7.82
C TRP D 86 -4.35 12.60 8.80
N LEU D 87 -4.52 11.61 9.68
CA LEU D 87 -5.69 11.59 10.54
C LEU D 87 -5.47 12.57 11.71
N GLU D 88 -4.27 12.59 12.29
CA GLU D 88 -3.92 13.56 13.33
C GLU D 88 -4.16 14.98 12.88
N ILE D 89 -3.83 15.25 11.62
CA ILE D 89 -3.98 16.59 11.01
C ILE D 89 -5.45 16.94 10.79
N LEU D 90 -6.22 15.97 10.31
CA LEU D 90 -7.68 16.14 10.20
C LEU D 90 -8.21 16.43 11.58
N MET D 91 -7.81 15.62 12.56
CA MET D 91 -8.22 15.79 13.93
C MET D 91 -7.88 17.10 14.62
N ILE D 92 -6.64 17.58 14.46
CA ILE D 92 -6.28 18.84 15.08
C ILE D 92 -6.99 20.04 14.40
N GLY D 93 -7.20 19.94 13.08
CA GLY D 93 -8.02 20.89 12.36
C GLY D 93 -9.43 20.97 12.94
N LEU D 94 -10.04 19.81 13.19
CA LEU D 94 -11.36 19.70 13.74
C LEU D 94 -11.42 20.35 15.10
N VAL D 95 -10.41 20.05 15.92
CA VAL D 95 -10.34 20.54 17.29
C VAL D 95 -10.27 22.08 17.28
N TRP D 96 -9.42 22.62 16.39
CA TRP D 96 -9.24 24.05 16.24
C TRP D 96 -10.52 24.76 15.83
N ARG D 97 -11.21 24.21 14.83
CA ARG D 97 -12.52 24.71 14.38
C ARG D 97 -13.55 24.71 15.48
N SER D 98 -13.44 23.75 16.41
CA SER D 98 -14.48 23.49 17.41
C SER D 98 -14.33 24.31 18.69
N MET D 99 -13.21 25.02 18.80
CA MET D 99 -12.80 25.66 20.05
C MET D 99 -13.84 26.59 20.68
N GLU D 100 -14.44 27.43 19.82
CA GLU D 100 -15.48 28.37 20.25
C GLU D 100 -16.89 27.78 20.16
N HIS D 101 -16.98 26.45 20.22
CA HIS D 101 -18.25 25.71 20.28
C HIS D 101 -18.15 24.62 21.35
N PRO D 102 -18.02 25.00 22.64
CA PRO D 102 -17.86 24.02 23.72
C PRO D 102 -18.98 22.95 23.71
N GLY D 103 -18.57 21.68 23.85
CA GLY D 103 -19.48 20.55 23.83
C GLY D 103 -19.86 20.05 22.45
N LYS D 104 -19.31 20.68 21.40
CA LYS D 104 -19.65 20.36 20.02
C LYS D 104 -18.44 20.32 19.12
N LEU D 105 -18.50 19.47 18.08
CA LEU D 105 -17.45 19.32 17.09
C LEU D 105 -17.97 19.90 15.79
N LEU D 106 -17.20 20.85 15.24
CA LEU D 106 -17.53 21.54 13.99
C LEU D 106 -16.75 20.87 12.86
N PHE D 107 -17.33 19.79 12.33
CA PHE D 107 -16.77 19.05 11.19
C PHE D 107 -16.75 19.94 9.96
N ALA D 108 -17.81 20.74 9.84
CA ALA D 108 -17.96 21.68 8.74
C ALA D 108 -18.93 22.75 9.20
N PRO D 109 -18.93 23.94 8.56
CA PRO D 109 -19.85 25.01 8.97
C PRO D 109 -21.32 24.57 8.89
N ASN D 110 -21.60 23.61 8.01
CA ASN D 110 -22.93 23.02 7.90
C ASN D 110 -23.07 21.66 8.63
N LEU D 111 -22.13 21.34 9.55
CA LEU D 111 -22.10 20.06 10.22
C LEU D 111 -21.41 20.16 11.57
N LEU D 112 -22.15 20.69 12.53
CA LEU D 112 -21.76 20.89 13.91
C LEU D 112 -22.44 19.80 14.74
N LEU D 113 -21.65 18.93 15.38
CA LEU D 113 -22.19 17.76 16.09
C LEU D 113 -21.87 17.77 17.58
N ASP D 114 -22.88 17.42 18.39
CA ASP D 114 -22.71 17.19 19.82
C ASP D 114 -22.34 15.73 20.08
N ARG D 115 -21.91 15.47 21.32
CA ARG D 115 -21.47 14.16 21.78
C ARG D 115 -22.44 13.02 21.44
N ASN D 116 -23.73 13.23 21.72
CA ASN D 116 -24.79 12.24 21.49
C ASN D 116 -24.93 11.74 20.06
N GLN D 117 -24.50 12.56 19.09
CA GLN D 117 -24.55 12.20 17.69
C GLN D 117 -23.38 11.30 17.29
N GLY D 118 -22.27 11.39 18.03
CA GLY D 118 -21.16 10.48 17.90
C GLY D 118 -21.61 9.05 18.08
N LYS D 119 -22.66 8.88 18.90
CA LYS D 119 -23.25 7.58 19.22
C LYS D 119 -23.83 6.82 18.04
N CYS D 120 -24.27 7.52 16.99
CA CYS D 120 -24.84 6.86 15.82
C CYS D 120 -23.87 5.81 15.24
N VAL D 121 -22.56 6.08 15.38
CA VAL D 121 -21.52 5.14 14.93
C VAL D 121 -20.87 4.36 16.09
N GLU D 122 -20.70 3.05 15.88
CA GLU D 122 -20.07 2.16 16.85
C GLU D 122 -18.64 2.62 17.08
N GLY D 123 -18.33 2.92 18.33
CA GLY D 123 -16.98 3.29 18.75
C GLY D 123 -16.58 4.75 18.57
N MET D 124 -17.49 5.57 18.03
CA MET D 124 -17.16 6.97 17.72
C MET D 124 -17.33 7.94 18.89
N VAL D 125 -18.28 7.66 19.79
CA VAL D 125 -18.55 8.54 20.92
C VAL D 125 -17.33 8.69 21.84
N GLU D 126 -16.52 7.62 21.94
CA GLU D 126 -15.30 7.61 22.72
C GLU D 126 -14.28 8.58 22.11
N ILE D 127 -14.12 8.49 20.79
CA ILE D 127 -13.19 9.36 20.08
C ILE D 127 -13.66 10.80 20.11
N PHE D 128 -14.98 11.00 20.05
CA PHE D 128 -15.62 12.30 20.16
C PHE D 128 -15.34 12.97 21.49
N ASP D 129 -15.48 12.21 22.59
CA ASP D 129 -15.19 12.69 23.92
C ASP D 129 -13.73 13.15 24.02
N MET D 130 -12.83 12.34 23.46
CA MET D 130 -11.41 12.69 23.39
C MET D 130 -11.20 13.99 22.59
N LEU D 131 -11.90 14.11 21.45
CA LEU D 131 -11.76 15.27 20.59
C LEU D 131 -12.21 16.51 21.35
N LEU D 132 -13.35 16.38 22.03
CA LEU D 132 -13.91 17.47 22.86
C LEU D 132 -12.99 17.90 23.99
N ALA D 133 -12.32 16.93 24.61
CA ALA D 133 -11.41 17.18 25.72
C ALA D 133 -10.24 17.99 25.22
N THR D 134 -9.73 17.64 24.04
CA THR D 134 -8.61 18.35 23.43
C THR D 134 -8.99 19.80 23.12
N SER D 135 -10.22 19.99 22.65
CA SER D 135 -10.75 21.30 22.30
C SER D 135 -10.80 22.22 23.51
N SER D 136 -11.27 21.71 24.65
CA SER D 136 -11.33 22.51 25.87
C SER D 136 -9.92 22.84 26.37
N ARG D 137 -9.01 21.88 26.27
CA ARG D 137 -7.62 22.07 26.68
C ARG D 137 -7.01 23.23 25.87
N PHE D 138 -7.18 23.21 24.55
CA PHE D 138 -6.78 24.32 23.67
C PHE D 138 -7.43 25.62 24.13
N ARG D 139 -8.72 25.52 24.48
CA ARG D 139 -9.50 26.68 24.89
C ARG D 139 -8.94 27.23 26.22
N MET D 140 -8.61 26.34 27.15
CA MET D 140 -8.03 26.70 28.42
C MET D 140 -6.64 27.29 28.28
N MET D 141 -5.88 26.80 27.30
CA MET D 141 -4.53 27.30 26.99
C MET D 141 -4.50 28.59 26.17
N ASN D 142 -5.67 28.99 25.63
CA ASN D 142 -5.77 30.12 24.71
C ASN D 142 -4.81 29.93 23.58
N LEU D 143 -4.85 28.74 22.97
CA LEU D 143 -4.04 28.44 21.82
C LEU D 143 -4.36 29.49 20.74
N GLN D 144 -3.30 30.06 20.16
CA GLN D 144 -3.38 31.05 19.10
C GLN D 144 -3.21 30.38 17.72
N GLY D 145 -3.73 31.03 16.69
CA GLY D 145 -3.67 30.54 15.33
C GLY D 145 -2.25 30.34 14.84
N GLU D 146 -1.37 31.25 15.24
CA GLU D 146 0.05 31.19 14.90
C GLU D 146 0.73 29.95 15.51
N GLU D 147 0.33 29.60 16.75
CA GLU D 147 0.78 28.38 17.41
C GLU D 147 0.21 27.12 16.72
N PHE D 148 -1.09 27.16 16.42
CA PHE D 148 -1.80 26.07 15.78
C PHE D 148 -1.13 25.59 14.46
N VAL D 149 -0.76 26.53 13.59
CA VAL D 149 -0.15 26.19 12.31
C VAL D 149 1.24 25.59 12.52
N CYS D 150 1.91 26.03 13.58
CA CYS D 150 3.22 25.49 13.96
C CYS D 150 3.08 24.06 14.44
N LEU D 151 2.06 23.82 15.26
CA LEU D 151 1.77 22.48 15.78
C LEU D 151 1.46 21.51 14.69
N LYS D 152 0.69 21.99 13.70
CA LYS D 152 0.23 21.15 12.63
C LYS D 152 1.36 20.67 11.72
N SER D 153 2.31 21.57 11.44
CA SER D 153 3.54 21.30 10.71
C SER D 153 4.45 20.30 11.44
N ILE D 154 4.58 20.49 12.76
CA ILE D 154 5.32 19.59 13.63
C ILE D 154 4.78 18.18 13.51
N ILE D 155 3.47 18.01 13.68
CA ILE D 155 2.78 16.72 13.44
C ILE D 155 3.14 16.06 12.09
N LEU D 156 3.18 16.85 11.01
CA LEU D 156 3.46 16.32 9.69
C LEU D 156 4.89 15.77 9.65
N LEU D 157 5.85 16.57 10.10
CA LEU D 157 7.27 16.23 10.00
C LEU D 157 7.70 15.24 11.07
N ASN D 158 7.04 15.25 12.23
CA ASN D 158 7.43 14.40 13.35
C ASN D 158 6.85 13.00 13.35
N SER D 159 5.62 12.85 12.86
CA SER D 159 4.87 11.63 13.10
C SER D 159 5.45 10.43 12.38
N GLY D 160 6.06 10.69 11.23
CA GLY D 160 6.55 9.64 10.37
C GLY D 160 8.05 9.46 10.43
N VAL D 161 8.76 10.49 10.91
CA VAL D 161 10.22 10.56 10.80
C VAL D 161 10.94 9.34 11.40
N TYR D 162 10.38 8.79 12.49
CA TYR D 162 10.98 7.69 13.23
C TYR D 162 10.77 6.29 12.63
N THR D 163 10.12 6.21 11.45
CA THR D 163 9.76 4.90 10.89
C THR D 163 9.98 4.72 9.37
N PHE D 164 10.88 5.53 8.79
CA PHE D 164 11.18 5.43 7.35
C PHE D 164 11.65 4.06 6.94
N LYS D 170 20.98 9.92 1.52
CA LYS D 170 19.57 10.30 1.66
C LYS D 170 18.90 9.27 2.56
N SER D 171 17.61 9.45 2.81
CA SER D 171 16.89 8.83 3.93
C SER D 171 17.51 8.98 5.32
N LEU D 172 18.82 8.78 5.49
CA LEU D 172 19.55 9.28 6.69
C LEU D 172 19.72 10.81 6.63
N GLU D 173 20.04 11.32 5.44
CA GLU D 173 20.18 12.77 5.23
C GLU D 173 18.79 13.47 5.30
N GLU D 174 17.73 12.74 4.92
CA GLU D 174 16.34 13.20 4.97
C GLU D 174 15.91 13.51 6.41
N LYS D 175 16.24 12.61 7.34
CA LYS D 175 15.95 12.78 8.77
C LYS D 175 16.61 14.02 9.40
N ASP D 176 17.87 14.27 9.06
CA ASP D 176 18.61 15.44 9.58
C ASP D 176 17.94 16.73 9.12
N HIS D 177 17.54 16.76 7.85
CA HIS D 177 16.87 17.90 7.25
C HIS D 177 15.54 18.20 7.98
N ILE D 178 14.78 17.14 8.25
CA ILE D 178 13.53 17.20 8.97
C ILE D 178 13.77 17.66 10.42
N HIS D 179 14.84 17.17 11.04
CA HIS D 179 15.15 17.56 12.40
C HIS D 179 15.52 19.02 12.44
N ARG D 180 16.13 19.54 11.36
CA ARG D 180 16.53 20.94 11.29
C ARG D 180 15.32 21.87 11.15
N VAL D 181 14.40 21.48 10.26
CA VAL D 181 13.17 22.23 10.05
C VAL D 181 12.38 22.29 11.35
N LEU D 182 12.31 21.16 12.06
CA LEU D 182 11.58 21.06 13.33
C LEU D 182 12.18 21.98 14.39
N ASP D 183 13.52 22.04 14.47
CA ASP D 183 14.20 23.01 15.33
C ASP D 183 13.84 24.46 14.95
N LYS D 184 13.62 24.69 13.65
CA LYS D 184 13.19 26.00 13.20
C LYS D 184 11.77 26.31 13.70
N ILE D 185 10.87 25.32 13.64
CA ILE D 185 9.52 25.49 14.14
C ILE D 185 9.52 25.70 15.67
N THR D 186 10.40 24.99 16.38
CA THR D 186 10.56 25.21 17.82
C THR D 186 10.91 26.66 18.10
N ASP D 187 11.96 27.14 17.43
CA ASP D 187 12.43 28.52 17.52
C ASP D 187 11.31 29.52 17.23
N THR D 188 10.58 29.26 16.14
CA THR D 188 9.42 30.06 15.76
C THR D 188 8.40 30.10 16.91
N LEU D 189 8.06 28.93 17.46
CA LEU D 189 7.13 28.87 18.59
C LEU D 189 7.60 29.72 19.77
N ILE D 190 8.89 29.58 20.13
CA ILE D 190 9.48 30.33 21.24
C ILE D 190 9.41 31.83 20.99
N HIS D 191 9.66 32.24 19.74
CA HIS D 191 9.65 33.65 19.34
C HIS D 191 8.28 34.30 19.53
N LEU D 192 7.23 33.61 19.06
CA LEU D 192 5.85 34.07 19.25
C LEU D 192 5.54 34.31 20.72
N MET D 193 5.95 33.37 21.58
CA MET D 193 5.76 33.45 23.03
C MET D 193 6.51 34.63 23.66
N ALA D 194 7.76 34.82 23.22
CA ALA D 194 8.59 35.93 23.68
C ALA D 194 7.97 37.26 23.29
N LYS D 195 7.65 37.39 22.00
CA LYS D 195 6.96 38.57 21.43
C LYS D 195 5.62 38.85 22.14
N ALA D 196 4.90 37.78 22.53
CA ALA D 196 3.66 37.91 23.30
C ALA D 196 3.86 38.29 24.77
N GLY D 197 5.12 38.36 25.22
CA GLY D 197 5.47 38.90 26.53
C GLY D 197 5.71 37.88 27.62
N LEU D 198 5.70 36.59 27.27
CA LEU D 198 5.87 35.51 28.25
C LEU D 198 7.30 35.48 28.71
N THR D 199 7.51 35.28 30.02
CA THR D 199 8.84 35.05 30.59
C THR D 199 9.45 33.77 30.02
N LEU D 200 10.76 33.62 30.23
CA LEU D 200 11.51 32.44 29.82
C LEU D 200 10.95 31.16 30.44
N GLN D 201 10.70 31.19 31.75
CA GLN D 201 10.10 30.06 32.44
C GLN D 201 8.76 29.72 31.86
N GLN D 202 7.95 30.75 31.61
CA GLN D 202 6.65 30.58 30.96
C GLN D 202 6.75 30.04 29.54
N GLN D 203 7.72 30.56 28.78
CA GLN D 203 7.98 30.09 27.43
C GLN D 203 8.30 28.62 27.38
N HIS D 204 9.25 28.16 28.21
CA HIS D 204 9.63 26.76 28.16
C HIS D 204 8.47 25.89 28.63
N GLN D 205 7.70 26.38 29.59
CA GLN D 205 6.55 25.64 30.10
C GLN D 205 5.44 25.46 29.07
N ARG D 206 5.13 26.52 28.34
CA ARG D 206 4.06 26.48 27.37
C ARG D 206 4.46 25.65 26.17
N LEU D 207 5.72 25.77 25.75
CA LEU D 207 6.28 24.92 24.70
C LEU D 207 6.09 23.43 25.03
N ALA D 208 6.47 23.04 26.25
CA ALA D 208 6.27 21.69 26.76
C ALA D 208 4.81 21.23 26.76
N GLN D 209 3.92 22.10 27.25
CA GLN D 209 2.49 21.77 27.31
C GLN D 209 1.92 21.50 25.93
N LEU D 210 2.35 22.30 24.95
CA LEU D 210 1.88 22.19 23.59
C LEU D 210 2.33 20.89 22.95
N LEU D 211 3.60 20.55 23.14
CA LEU D 211 4.18 19.40 22.51
C LEU D 211 3.64 18.14 23.19
N LEU D 212 3.42 18.20 24.51
CA LEU D 212 2.81 17.08 25.22
C LEU D 212 1.40 16.71 24.75
N ILE D 213 0.63 17.71 24.28
CA ILE D 213 -0.69 17.49 23.71
C ILE D 213 -0.66 16.70 22.38
N LEU D 214 0.43 16.86 21.62
CA LEU D 214 0.67 16.05 20.41
C LEU D 214 0.62 14.58 20.68
N SER D 215 1.06 14.18 21.88
CA SER D 215 1.04 12.78 22.30
C SER D 215 -0.39 12.26 22.42
N HIS D 216 -1.27 13.09 22.96
CA HIS D 216 -2.68 12.75 23.02
C HIS D 216 -3.34 12.70 21.61
N ILE D 217 -2.92 13.60 20.71
CA ILE D 217 -3.40 13.60 19.33
C ILE D 217 -2.98 12.30 18.62
N ARG D 218 -1.76 11.83 18.87
CA ARG D 218 -1.28 10.59 18.32
C ARG D 218 -2.14 9.43 18.81
N HIS D 219 -2.47 9.46 20.10
CA HIS D 219 -3.27 8.43 20.72
C HIS D 219 -4.69 8.39 20.15
N MET D 220 -5.33 9.56 20.04
CA MET D 220 -6.65 9.67 19.42
C MET D 220 -6.66 9.09 18.02
N SER D 221 -5.60 9.36 17.28
CA SER D 221 -5.47 8.91 15.91
C SER D 221 -5.43 7.39 15.87
N ASN D 222 -4.64 6.79 16.75
CA ASN D 222 -4.45 5.34 16.81
C ASN D 222 -5.73 4.64 17.27
N LYS D 223 -6.35 5.19 18.32
CA LYS D 223 -7.62 4.70 18.84
C LYS D 223 -8.67 4.69 17.73
N GLY D 224 -8.72 5.78 16.93
CA GLY D 224 -9.66 5.94 15.84
C GLY D 224 -9.54 4.85 14.82
N MET D 225 -8.30 4.60 14.36
CA MET D 225 -7.97 3.51 13.45
C MET D 225 -8.40 2.15 14.00
N GLU D 226 -8.08 1.90 15.27
CA GLU D 226 -8.45 0.69 15.98
C GLU D 226 -9.95 0.45 15.97
N HIS D 227 -10.72 1.49 16.31
CA HIS D 227 -12.19 1.42 16.38
C HIS D 227 -12.78 1.23 14.99
N LEU D 228 -12.24 1.98 14.03
CA LEU D 228 -12.56 1.79 12.63
C LEU D 228 -12.41 0.32 12.23
N TYR D 229 -11.28 -0.30 12.58
CA TYR D 229 -11.06 -1.72 12.31
C TYR D 229 -12.03 -2.64 13.07
N SER D 230 -12.43 -2.22 14.28
CA SER D 230 -13.35 -3.00 15.12
C SER D 230 -14.80 -3.02 14.61
N MET D 231 -15.20 -1.98 13.87
CA MET D 231 -16.58 -1.84 13.41
C MET D 231 -16.90 -2.73 12.18
N LYS D 234 -14.52 -2.97 3.65
CA LYS D 234 -15.05 -3.25 4.99
C LYS D 234 -15.45 -1.94 5.65
N ASN D 235 -14.66 -0.93 5.30
CA ASN D 235 -14.73 0.43 5.67
C ASN D 235 -13.54 1.04 4.92
N VAL D 236 -13.78 1.78 3.85
CA VAL D 236 -12.73 2.46 3.08
C VAL D 236 -11.72 3.23 3.95
N VAL D 237 -10.43 3.17 3.63
CA VAL D 237 -9.33 3.87 4.36
C VAL D 237 -8.26 4.35 3.35
N PRO D 238 -7.60 5.51 3.56
CA PRO D 238 -6.58 5.94 2.60
C PRO D 238 -5.36 5.08 2.57
N SER D 239 -5.00 4.59 1.40
CA SER D 239 -3.86 3.70 1.29
C SER D 239 -2.64 4.50 0.93
N TYR D 240 -1.47 3.94 1.16
CA TYR D 240 -0.26 4.41 0.55
C TYR D 240 -0.37 4.83 -0.89
N ASP D 241 -0.84 3.89 -1.68
CA ASP D 241 -1.15 4.10 -3.09
C ASP D 241 -1.96 5.41 -3.31
N LEU D 242 -3.14 5.48 -2.71
CA LEU D 242 -3.99 6.68 -2.77
C LEU D 242 -3.24 7.98 -2.45
N LEU D 243 -2.37 7.92 -1.43
CA LEU D 243 -1.62 9.09 -1.02
C LEU D 243 -0.61 9.53 -2.06
N LEU D 244 0.01 8.52 -2.71
CA LEU D 244 0.99 8.72 -3.78
C LEU D 244 0.37 9.20 -5.11
N GLU D 245 -0.82 8.71 -5.45
CA GLU D 245 -1.55 9.23 -6.63
C GLU D 245 -1.70 10.74 -6.55
N MET D 246 -2.19 11.22 -5.41
CA MET D 246 -2.52 12.63 -5.21
C MET D 246 -1.28 13.51 -5.18
N LEU D 247 -0.24 13.03 -4.49
CA LEU D 247 1.05 13.70 -4.45
C LEU D 247 1.52 13.98 -5.90
N ASP D 248 1.36 12.97 -6.75
CA ASP D 248 1.78 13.02 -8.15
C ASP D 248 0.94 13.96 -9.03
N ALA D 249 -0.34 14.16 -8.68
CA ALA D 249 -1.18 15.18 -9.31
C ALA D 249 -0.85 16.57 -8.76
C10 7OR E . 10.60 -17.81 -8.73
C13 7OR E . 12.63 -16.55 -7.30
C15 7OR E . 9.22 -17.28 -2.98
C17 7OR E . 9.15 -14.85 -2.72
C24 7OR E . 4.85 -17.86 -3.63
C26 7OR E . 4.07 -15.53 -3.83
C28 7OR E . 5.68 -16.08 -2.15
C01 7OR E . 9.62 -18.74 -6.63
C02 7OR E . 8.77 -19.79 -7.02
C03 7OR E . 7.38 -19.82 -7.53
C04 7OR E . 6.67 -18.97 -6.30
C05 7OR E . 9.05 -18.47 -5.16
C06 7OR E . 7.78 -19.13 -5.28
O07 7OR E . 8.46 -20.32 -5.74
C08 7OR E . 9.09 -17.20 -4.40
C09 7OR E . 10.61 -17.93 -7.33
C11 7OR E . 11.55 -17.05 -9.41
C12 7OR E . 12.59 -16.42 -8.69
C14 7OR E . 11.65 -17.31 -6.65
C16 7OR E . 9.25 -16.14 -2.17
C18 7OR E . 9.00 -14.78 -4.14
C19 7OR E . 8.98 -15.94 -4.95
O20 7OR E . 13.49 -15.71 -9.35
O21 7OR E . 9.17 -13.72 -1.89
S22 7OR E . 5.13 -19.71 -5.67
N23 7OR E . 4.91 -19.23 -4.03
C25 7OR E . 4.07 -16.88 -4.25
C27 7OR E . 4.90 -15.10 -2.77
C29 7OR E . 5.66 -17.41 -2.57
O30 7OR E . 4.09 -19.11 -6.42
O31 7OR E . 5.21 -21.13 -5.73
C32 7OR E . 4.90 -20.24 -2.94
C33 7OR E . 9.21 -12.36 -2.43
C34 7OR E . 9.46 -11.17 -1.41
C35 7OR E . 8.67 -10.96 -0.26
C36 7OR E . 8.90 -9.90 0.65
C37 7OR E . 9.93 -8.98 0.43
C38 7OR E . 10.72 -9.16 -0.71
C39 7OR E . 10.49 -10.22 -1.60
C40 7OR E . 3.47 -20.70 -2.39
F41 7OR E . 3.03 -19.97 -1.40
F42 7OR E . 3.47 -21.97 -1.96
F43 7OR E . 2.53 -20.69 -3.34
O44 7OR E . 4.90 -13.77 -2.37
C45 7OR E . 5.91 -13.33 -1.47
N TYR F . -13.88 -16.55 -2.31
CA TYR F . -13.48 -17.30 -1.13
C TYR F . -13.36 -16.37 0.08
O TYR F . -13.80 -16.69 1.16
CB TYR F . -12.20 -18.07 -1.40
N SER G . -12.80 -15.19 -0.12
CA SER G . -12.76 -14.18 0.91
C SER G . -14.10 -13.59 1.43
O SER G . -14.25 -13.40 2.61
CB SER G . -11.80 -13.07 0.48
N CYS H . -15.06 -13.32 0.55
CA CYS H . -16.39 -12.87 0.98
C CYS H . -17.48 -13.86 0.60
O CYS H . -18.31 -13.57 -0.26
CB CYS H . -16.73 -11.52 0.38
C10 7OR I . -20.66 -10.95 -14.66
C13 7OR I . -23.12 -12.22 -14.90
C15 7OR I . -22.09 -13.41 -9.58
C17 7OR I . -22.34 -15.75 -10.27
C24 7OR I . -18.01 -13.79 -8.37
C26 7OR I . -17.26 -16.08 -8.91
C28 7OR I . -19.49 -15.78 -8.12
C01 7OR I . -20.78 -10.94 -12.21
C02 7OR I . -19.77 -10.02 -11.83
C03 7OR I . -18.31 -10.12 -11.84
C04 7OR I . -18.19 -11.47 -10.91
C05 7OR I . -20.88 -11.75 -10.89
C06 7OR I . -19.58 -11.45 -10.34
O07 7OR I . -19.89 -10.09 -10.43
C08 7OR I . -21.36 -13.10 -10.74
C09 7OR I . -21.35 -11.30 -13.48
C11 7OR I . -21.15 -11.22 -15.92
C12 7OR I . -22.39 -11.85 -16.06
C14 7OR I . -22.61 -11.92 -13.63
C16 7OR I . -22.57 -14.70 -9.35
C18 7OR I . -21.58 -15.43 -11.42
C19 7OR I . -21.09 -14.14 -11.65
O20 7OR I . -22.85 -12.09 -17.33
O21 7OR I . -22.85 -17.02 -9.98
S22 7OR I . -17.06 -11.39 -9.53
N23 7OR I . -17.82 -12.34 -8.27
C25 7OR I . -17.04 -14.69 -8.81
C27 7OR I . -18.49 -16.67 -8.56
C29 7OR I . -19.26 -14.40 -8.02
O30 7OR I . -15.88 -12.05 -9.96
O31 7OR I . -16.93 -10.05 -9.11
C32 7OR I . -18.35 -11.69 -7.06
C33 7OR I . -22.71 -18.15 -10.87
C34 7OR I . -23.41 -19.45 -10.42
C35 7OR I . -23.61 -19.76 -9.05
C36 7OR I . -24.25 -20.94 -8.64
C37 7OR I . -24.72 -21.88 -9.57
C38 7OR I . -24.54 -21.59 -10.92
C39 7OR I . -23.90 -20.40 -11.33
C40 7OR I . -17.38 -11.67 -5.81
F41 7OR I . -17.35 -12.80 -5.15
F42 7OR I . -17.69 -10.73 -4.94
F43 7OR I . -16.11 -11.36 -6.19
O44 7OR I . -18.64 -18.06 -8.68
C45 7OR I . -19.90 -18.69 -8.43
N TYR J . -3.93 -7.76 20.19
CA TYR J . -5.32 -8.06 20.40
C TYR J . -5.98 -8.64 19.15
O TYR J . -5.41 -8.66 18.04
CB TYR J . -6.06 -6.82 20.88
C10 7OR K . 9.53 -4.46 26.32
C13 7OR K . 9.78 -6.01 28.60
C15 7OR K . 5.66 -8.93 26.14
C17 7OR K . 4.34 -8.59 28.19
C24 7OR K . 2.94 -6.69 23.49
C26 7OR K . 1.22 -5.68 24.95
C28 7OR K . 2.05 -7.86 25.49
C01 7OR K . 8.21 -6.18 25.13
C02 7OR K . 8.27 -5.80 23.76
C03 7OR K . 7.58 -4.73 23.05
C04 7OR K . 6.04 -5.20 23.43
C05 7OR K . 6.96 -7.13 25.07
C06 7OR K . 6.34 -6.59 23.90
O07 7OR K . 7.52 -6.85 23.17
C08 7OR K . 6.11 -7.60 26.15
C09 7OR K . 8.91 -5.72 26.33
C11 7OR K . 10.23 -3.95 27.39
C12 7OR K . 10.37 -4.72 28.56
C14 7OR K . 9.07 -6.50 27.49
C16 7OR K . 4.79 -9.43 27.13
C18 7OR K . 4.78 -7.24 28.15
C19 7OR K . 5.63 -6.76 27.16
O20 7OR K . 11.08 -4.18 29.58
O21 7OR K . 3.48 -9.08 29.20
S22 7OR K . 4.93 -5.33 22.03
N23 7OR K . 3.87 -6.67 22.34
C25 7OR K . 2.09 -5.63 23.83
C27 7OR K . 1.19 -6.79 25.81
C29 7OR K . 2.89 -7.80 24.38
O30 7OR K . 4.16 -4.14 22.00
O31 7OR K . 5.70 -5.59 20.88
C32 7OR K . 3.95 -7.86 21.49
C33 7OR K . 3.17 -8.27 30.34
C34 7OR K . 2.44 -8.93 31.54
C35 7OR K . 1.31 -9.76 31.39
C36 7OR K . 0.65 -10.36 32.48
C37 7OR K . 1.10 -10.14 33.78
C38 7OR K . 2.22 -9.33 33.97
C39 7OR K . 2.86 -8.74 32.87
C40 7OR K . 2.82 -7.95 20.42
F41 7OR K . 2.10 -9.03 20.56
F42 7OR K . 3.28 -7.92 19.18
F43 7OR K . 2.00 -6.87 20.49
O44 7OR K . 0.35 -6.83 26.91
C45 7OR K . -1.04 -6.52 26.80
C10 7OR L . -12.43 14.56 11.54
C13 7OR L . -13.09 15.08 8.88
C15 7OR L . -14.47 9.61 8.97
C17 7OR L . -12.76 9.21 7.26
C24 7OR L . -12.57 6.97 12.01
C26 7OR L . -10.41 6.54 10.89
C28 7OR L . -12.40 6.29 9.63
C01 7OR L . -13.69 12.45 11.58
C02 7OR L . -13.85 12.15 12.95
C03 7OR L . -12.94 11.55 13.92
C04 7OR L . -12.69 10.14 13.13
C05 7OR L . -14.08 11.04 10.97
C06 7OR L . -13.85 10.23 12.14
O07 7OR L . -14.77 11.06 12.88
C08 7OR L . -13.62 10.47 9.70
C09 7OR L . -13.20 13.62 10.86
C11 7OR L . -11.95 15.72 10.92
C12 7OR L . -12.29 15.98 9.60
C14 7OR L . -13.55 13.91 9.52
C16 7OR L . -14.06 9.00 7.79
C18 7OR L . -11.93 10.05 8.01
C19 7OR L . -12.35 10.66 9.20
O20 7OR L . -11.80 17.14 9.05
O21 7OR L . -12.36 8.61 6.06
S22 7OR L . -12.93 8.65 14.16
N23 7OR L . -13.38 7.36 13.14
C25 7OR L . -11.17 6.91 12.01
C27 7OR L . -11.00 6.23 9.67
C29 7OR L . -13.15 6.66 10.76
O30 7OR L . -11.67 8.31 14.68
O31 7OR L . -14.00 8.86 15.09
C32 7OR L . -14.66 6.68 13.40
C33 7OR L . -11.11 8.96 5.43
C34 7OR L . -10.88 8.40 4.00
C35 7OR L . -11.28 7.10 3.63
C36 7OR L . -11.08 6.59 2.33
C37 7OR L . -10.46 7.36 1.35
C38 7OR L . -10.05 8.64 1.70
C39 7OR L . -10.26 9.15 3.01
C40 7OR L . -14.54 5.30 14.18
F41 7OR L . -14.45 4.26 13.39
F42 7OR L . -15.55 5.11 15.03
F43 7OR L . -13.46 5.30 14.95
O44 7OR L . -10.22 5.88 8.58
C45 7OR L . -10.78 6.02 7.28
#